data_4JBK
#
_entry.id   4JBK
#
_cell.length_a   106.304
_cell.length_b   109.940
_cell.length_c   106.137
_cell.angle_alpha   90.00
_cell.angle_beta   120.03
_cell.angle_gamma   90.00
#
_symmetry.space_group_name_H-M   'C 1 2 1'
#
loop_
_entity.id
_entity.type
_entity.pdbx_description
1 polymer 'Interferon-activable protein 202'
2 polymer "DNA (5'-D(P*GP*GP*AP*AP*TP*TP*AP*TP*AP*AP*TP*TP*CP*C)-3')"
#
loop_
_entity_poly.entity_id
_entity_poly.type
_entity_poly.pdbx_seq_one_letter_code
_entity_poly.pdbx_strand_id
1 'polypeptide(L)'
;MTPKKNISKGAVLHEKPMTVMVLTATEPFNYKEGKENMFHATVATESQYYRVKVFNMDLKEKFTENKFITISKYFNSSGI
LEINETATVSEAAPNQMFEVPKNIIRSAKETLKISKIKELDSGTLIYGVFAVEKKKVNDKSITFKIKDNEDNIKVVWDKE
QHNINYEKGDKLQLFSFHLRKGNGKPILHSGNHSFIKG
;
A,B,C,D
2 'polydeoxyribonucleotide' (DG)(DG)(DA)(DA)(DT)(DT)(DA)(DT)(DA)(DA)(DT)(DT)(DC)(DC) E,F,G,H
#
# COMPACT_ATOMS: atom_id res chain seq x y z
N THR A 2 -24.84 26.89 25.43
CA THR A 2 -23.56 27.00 26.13
C THR A 2 -23.44 26.19 27.43
N PRO A 3 -24.29 25.16 27.64
CA PRO A 3 -24.01 24.51 28.93
C PRO A 3 -22.83 23.55 28.83
N LYS A 4 -22.83 22.75 27.78
CA LYS A 4 -21.79 21.75 27.57
C LYS A 4 -20.80 22.19 26.48
N LYS A 5 -20.61 23.49 26.35
CA LYS A 5 -19.70 24.04 25.34
C LYS A 5 -18.27 23.58 25.59
N ASN A 6 -17.57 23.25 24.51
CA ASN A 6 -16.16 22.84 24.55
C ASN A 6 -15.91 21.55 25.33
N ILE A 7 -16.98 20.96 25.84
CA ILE A 7 -16.87 19.71 26.58
C ILE A 7 -16.89 18.57 25.56
N SER A 8 -16.10 17.53 25.82
CA SER A 8 -16.15 16.34 24.97
C SER A 8 -17.56 15.79 25.09
N LYS A 9 -18.09 15.26 23.99
CA LYS A 9 -19.46 14.79 23.96
C LYS A 9 -19.69 13.49 24.73
N GLY A 10 -20.84 13.40 25.38
CA GLY A 10 -21.22 12.24 26.15
C GLY A 10 -20.71 12.32 27.57
N ALA A 11 -20.03 13.41 27.89
CA ALA A 11 -19.49 13.62 29.23
C ALA A 11 -20.61 13.76 30.25
N VAL A 12 -20.42 13.16 31.41
CA VAL A 12 -21.43 13.20 32.47
C VAL A 12 -21.28 14.52 33.21
N LEU A 13 -22.38 15.03 33.76
CA LEU A 13 -22.33 16.28 34.51
C LEU A 13 -22.44 16.01 36.01
N HIS A 14 -21.55 16.62 36.77
CA HIS A 14 -21.52 16.44 38.21
C HIS A 14 -21.89 17.72 38.93
N GLU A 15 -23.14 17.78 39.38
CA GLU A 15 -23.69 18.95 40.06
C GLU A 15 -23.11 19.10 41.46
N LYS A 16 -22.87 17.98 42.12
CA LYS A 16 -22.37 17.96 43.49
C LYS A 16 -20.96 18.51 43.58
N PRO A 17 -20.74 19.44 44.51
CA PRO A 17 -19.44 20.07 44.69
C PRO A 17 -18.40 19.04 45.13
N MET A 18 -17.16 19.22 44.68
CA MET A 18 -16.08 18.36 45.13
C MET A 18 -14.83 19.20 45.37
N THR A 19 -14.10 18.89 46.45
CA THR A 19 -12.93 19.67 46.79
C THR A 19 -11.66 18.89 46.44
N VAL A 20 -10.77 19.52 45.67
CA VAL A 20 -9.57 18.86 45.19
C VAL A 20 -8.35 19.72 45.51
N MET A 21 -7.19 19.08 45.42
CA MET A 21 -5.93 19.78 45.59
C MET A 21 -5.22 19.78 44.24
N VAL A 22 -4.80 20.96 43.80
CA VAL A 22 -4.16 21.10 42.50
C VAL A 22 -2.69 20.67 42.58
N LEU A 23 -2.34 19.67 41.79
CA LEU A 23 -0.98 19.16 41.77
C LEU A 23 -0.16 19.87 40.71
N THR A 24 -0.66 19.87 39.48
CA THR A 24 0.10 20.50 38.39
C THR A 24 -0.82 21.28 37.45
N ALA A 25 -0.25 22.25 36.74
CA ALA A 25 -0.98 22.98 35.73
C ALA A 25 -0.04 23.40 34.61
N THR A 26 -0.56 23.47 33.40
CA THR A 26 0.25 23.82 32.24
C THR A 26 -0.13 25.23 31.79
N GLU A 27 0.75 25.83 30.99
CA GLU A 27 0.47 27.15 30.46
C GLU A 27 -0.62 27.03 29.41
N PRO A 28 -1.47 28.07 29.30
CA PRO A 28 -2.55 28.05 28.32
C PRO A 28 -1.96 27.95 26.92
N PHE A 29 -2.64 27.24 26.04
CA PHE A 29 -2.18 27.07 24.67
C PHE A 29 -3.36 26.97 23.74
N ASN A 30 -3.14 27.20 22.46
CA ASN A 30 -4.23 27.14 21.49
C ASN A 30 -4.29 25.75 20.85
N TYR A 31 -5.37 25.03 21.14
CA TYR A 31 -5.52 23.66 20.67
C TYR A 31 -6.26 23.58 19.32
N LYS A 32 -6.93 24.67 18.94
CA LYS A 32 -7.59 24.73 17.65
C LYS A 32 -7.79 26.18 17.18
N GLU A 33 -7.76 26.39 15.87
CA GLU A 33 -7.97 27.69 15.27
C GLU A 33 -9.32 28.27 15.66
N GLY A 34 -9.31 29.55 16.03
CA GLY A 34 -10.53 30.28 16.30
C GLY A 34 -11.21 30.06 17.64
N LYS A 35 -10.73 29.11 18.43
CA LYS A 35 -11.30 28.89 19.76
C LYS A 35 -10.36 29.30 20.87
N GLU A 36 -10.94 29.59 22.04
CA GLU A 36 -10.20 30.05 23.20
C GLU A 36 -9.16 28.99 23.59
N ASN A 37 -8.15 29.43 24.31
CA ASN A 37 -7.09 28.52 24.73
C ASN A 37 -7.59 27.56 25.81
N MET A 38 -6.76 26.59 26.15
CA MET A 38 -7.04 25.66 27.22
C MET A 38 -5.73 25.36 27.94
N PHE A 39 -5.81 24.74 29.09
CA PHE A 39 -4.63 24.20 29.73
C PHE A 39 -4.95 22.87 30.40
N HIS A 40 -3.91 22.09 30.66
CA HIS A 40 -4.07 20.80 31.28
C HIS A 40 -3.72 20.95 32.75
N ALA A 41 -4.34 20.14 33.61
CA ALA A 41 -4.03 20.18 35.02
C ALA A 41 -4.12 18.78 35.63
N THR A 42 -3.48 18.61 36.78
CA THR A 42 -3.62 17.38 37.53
C THR A 42 -4.00 17.75 38.94
N VAL A 43 -5.10 17.18 39.43
CA VAL A 43 -5.58 17.49 40.76
C VAL A 43 -5.74 16.20 41.55
N ALA A 44 -6.05 16.32 42.84
CA ALA A 44 -6.18 15.12 43.67
C ALA A 44 -7.17 15.28 44.81
N THR A 45 -7.87 14.19 45.11
CA THR A 45 -8.71 14.08 46.29
C THR A 45 -8.21 12.91 47.12
N GLU A 46 -8.75 12.81 48.33
CA GLU A 46 -8.33 11.82 49.32
C GLU A 46 -8.30 10.41 48.75
N SER A 47 -9.09 10.18 47.73
CA SER A 47 -9.28 8.84 47.19
C SER A 47 -8.55 8.59 45.88
N GLN A 48 -8.26 9.64 45.11
CA GLN A 48 -7.67 9.43 43.79
C GLN A 48 -7.14 10.70 43.15
N TYR A 49 -6.38 10.56 42.08
CA TYR A 49 -5.95 11.72 41.33
C TYR A 49 -6.70 11.82 39.99
N TYR A 50 -6.90 13.04 39.53
CA TYR A 50 -7.63 13.31 38.31
C TYR A 50 -6.79 14.11 37.34
N ARG A 51 -7.07 13.91 36.06
CA ARG A 51 -6.51 14.74 35.01
C ARG A 51 -7.64 15.64 34.49
N VAL A 52 -7.29 16.90 34.23
CA VAL A 52 -8.28 17.94 34.00
C VAL A 52 -7.97 18.77 32.77
N LYS A 53 -8.99 19.08 32.01
CA LYS A 53 -8.90 20.04 30.91
C LYS A 53 -9.75 21.24 31.28
N VAL A 54 -9.14 22.42 31.24
CA VAL A 54 -9.84 23.65 31.63
C VAL A 54 -9.95 24.59 30.44
N PHE A 55 -11.16 25.04 30.15
CA PHE A 55 -11.42 25.84 28.95
C PHE A 55 -11.78 27.29 29.27
N ASN A 56 -11.92 27.58 30.56
CA ASN A 56 -12.16 28.94 31.01
C ASN A 56 -10.85 29.51 31.53
N MET A 57 -10.26 30.43 30.77
CA MET A 57 -8.95 30.96 31.10
C MET A 57 -8.95 31.85 32.33
N ASP A 58 -10.15 32.24 32.76
CA ASP A 58 -10.30 33.01 33.98
C ASP A 58 -9.96 32.17 35.20
N LEU A 59 -9.89 30.86 35.01
CA LEU A 59 -9.66 29.94 36.13
C LEU A 59 -8.19 29.60 36.29
N LYS A 60 -7.33 30.20 35.46
CA LYS A 60 -5.91 29.83 35.44
C LYS A 60 -5.22 30.12 36.77
N GLU A 61 -5.57 31.24 37.38
CA GLU A 61 -4.96 31.65 38.64
C GLU A 61 -5.32 30.71 39.78
N LYS A 62 -6.55 30.19 39.76
CA LYS A 62 -6.96 29.24 40.78
C LYS A 62 -6.19 27.94 40.67
N PHE A 63 -5.77 27.60 39.46
CA PHE A 63 -5.00 26.38 39.23
C PHE A 63 -3.50 26.57 39.42
N THR A 64 -3.09 26.72 40.68
CA THR A 64 -1.69 26.82 41.05
C THR A 64 -1.35 25.67 41.99
N GLU A 65 -0.07 25.31 42.04
CA GLU A 65 0.38 24.15 42.80
C GLU A 65 -0.08 24.19 44.24
N ASN A 66 -0.55 23.05 44.75
CA ASN A 66 -0.89 22.90 46.16
C ASN A 66 -2.03 23.77 46.65
N LYS A 67 -2.80 24.30 45.71
CA LYS A 67 -3.96 25.10 46.08
C LYS A 67 -5.20 24.22 46.16
N PHE A 68 -6.01 24.45 47.18
CA PHE A 68 -7.24 23.68 47.36
C PHE A 68 -8.42 24.44 46.78
N ILE A 69 -9.15 23.79 45.89
CA ILE A 69 -10.30 24.43 45.26
C ILE A 69 -11.51 23.51 45.26
N THR A 70 -12.69 24.10 45.15
CA THR A 70 -13.92 23.34 45.08
C THR A 70 -14.55 23.57 43.71
N ILE A 71 -14.98 22.49 43.07
CA ILE A 71 -15.56 22.57 41.74
C ILE A 71 -16.95 21.97 41.74
N SER A 72 -17.88 22.70 41.12
CA SER A 72 -19.26 22.26 40.99
C SER A 72 -19.67 22.35 39.53
N LYS A 73 -20.55 21.44 39.14
CA LYS A 73 -21.08 21.38 37.78
C LYS A 73 -19.99 21.18 36.74
N TYR A 74 -18.93 20.49 37.13
CA TYR A 74 -17.87 20.11 36.20
C TYR A 74 -18.32 18.89 35.42
N PHE A 75 -17.56 18.53 34.40
CA PHE A 75 -17.89 17.38 33.57
C PHE A 75 -16.89 16.26 33.72
N ASN A 76 -17.33 15.03 33.47
CA ASN A 76 -16.43 13.87 33.50
C ASN A 76 -16.53 13.12 32.19
N SER A 77 -15.44 13.11 31.43
CA SER A 77 -15.37 12.35 30.19
C SER A 77 -14.37 11.20 30.33
N SER A 78 -14.90 10.03 30.70
CA SER A 78 -14.10 8.82 30.85
C SER A 78 -12.96 8.95 31.86
N GLY A 79 -13.28 9.44 33.05
CA GLY A 79 -12.31 9.52 34.13
C GLY A 79 -11.52 10.80 34.08
N ILE A 80 -11.82 11.63 33.09
CA ILE A 80 -11.15 12.91 32.94
C ILE A 80 -12.13 14.05 33.19
N LEU A 81 -11.68 15.06 33.93
CA LEU A 81 -12.55 16.17 34.27
C LEU A 81 -12.41 17.30 33.26
N GLU A 82 -13.55 17.73 32.71
CA GLU A 82 -13.56 18.84 31.78
C GLU A 82 -14.31 19.99 32.42
N ILE A 83 -13.72 21.18 32.39
CA ILE A 83 -14.30 22.33 33.04
C ILE A 83 -14.47 23.50 32.08
N ASN A 84 -15.70 23.99 31.98
CA ASN A 84 -15.98 25.20 31.21
C ASN A 84 -16.68 26.23 32.08
N GLU A 85 -17.17 27.29 31.45
CA GLU A 85 -17.75 28.42 32.16
C GLU A 85 -19.01 28.07 32.95
N THR A 86 -19.55 26.88 32.69
CA THR A 86 -20.73 26.40 33.41
C THR A 86 -20.32 26.03 34.83
N ALA A 87 -19.06 25.65 34.99
CA ALA A 87 -18.58 25.16 36.28
C ALA A 87 -18.29 26.29 37.24
N THR A 88 -18.53 26.04 38.52
CA THR A 88 -18.22 27.00 39.56
C THR A 88 -16.96 26.54 40.30
N VAL A 89 -15.95 27.40 40.37
CA VAL A 89 -14.72 27.03 41.05
C VAL A 89 -14.38 28.06 42.12
N SER A 90 -14.27 27.61 43.36
CA SER A 90 -14.02 28.51 44.49
C SER A 90 -12.75 28.10 45.23
N GLU A 91 -12.05 29.07 45.81
CA GLU A 91 -10.93 28.74 46.67
C GLU A 91 -11.50 28.07 47.91
N ALA A 92 -10.92 26.94 48.30
CA ALA A 92 -11.52 26.11 49.33
C ALA A 92 -11.44 26.72 50.71
N ALA A 93 -12.39 26.35 51.56
CA ALA A 93 -12.40 26.77 52.94
C ALA A 93 -11.72 25.67 53.74
N PRO A 94 -11.03 26.06 54.84
CA PRO A 94 -10.24 25.12 55.65
C PRO A 94 -11.06 23.92 56.14
N ASN A 95 -12.38 24.05 56.18
CA ASN A 95 -13.24 23.01 56.71
C ASN A 95 -13.27 21.75 55.84
N GLN A 96 -13.10 21.92 54.53
CA GLN A 96 -13.11 20.78 53.62
C GLN A 96 -11.71 20.40 53.17
N MET A 97 -10.72 21.18 53.62
CA MET A 97 -9.32 20.88 53.31
C MET A 97 -8.85 19.59 53.97
N PHE A 98 -8.23 18.75 53.16
CA PHE A 98 -7.74 17.46 53.60
C PHE A 98 -6.25 17.32 53.31
N GLU A 99 -5.72 16.13 53.59
CA GLU A 99 -4.35 15.82 53.24
C GLU A 99 -4.40 14.72 52.19
N VAL A 100 -3.65 14.90 51.10
CA VAL A 100 -3.64 13.95 50.01
C VAL A 100 -2.59 12.89 50.28
N PRO A 101 -3.00 11.60 50.31
CA PRO A 101 -2.08 10.51 50.59
C PRO A 101 -0.87 10.57 49.64
N LYS A 102 0.31 10.28 50.17
CA LYS A 102 1.55 10.43 49.42
C LYS A 102 1.59 9.53 48.20
N ASN A 103 1.05 8.33 48.36
CA ASN A 103 1.07 7.33 47.30
C ASN A 103 0.29 7.78 46.07
N ILE A 104 -0.79 8.52 46.31
CA ILE A 104 -1.59 9.06 45.22
C ILE A 104 -0.79 10.09 44.42
N ILE A 105 -0.09 10.97 45.13
CA ILE A 105 0.74 11.98 44.47
C ILE A 105 1.88 11.35 43.68
N ARG A 106 2.52 10.35 44.28
CA ARG A 106 3.59 9.62 43.59
C ARG A 106 3.05 9.00 42.33
N SER A 107 1.85 8.45 42.44
CA SER A 107 1.17 7.81 41.32
C SER A 107 0.90 8.84 40.23
N ALA A 108 0.49 10.04 40.64
CA ALA A 108 0.16 11.11 39.71
C ALA A 108 1.40 11.52 38.94
N LYS A 109 2.56 11.46 39.61
CA LYS A 109 3.81 11.77 38.95
C LYS A 109 4.25 10.58 38.10
N GLU A 110 3.81 9.39 38.50
CA GLU A 110 4.24 8.16 37.84
C GLU A 110 3.76 8.09 36.40
N THR A 111 4.63 7.62 35.53
CA THR A 111 4.33 7.51 34.11
C THR A 111 4.07 6.05 33.80
N LEU A 112 3.03 5.78 33.02
CA LEU A 112 2.69 4.41 32.69
C LEU A 112 3.77 3.85 31.78
N LYS A 113 3.91 2.53 31.77
CA LYS A 113 4.89 1.89 30.91
C LYS A 113 4.24 1.58 29.57
N ILE A 114 5.03 1.68 28.51
CA ILE A 114 4.53 1.51 27.14
C ILE A 114 3.94 0.13 26.89
N SER A 115 4.58 -0.90 27.46
CA SER A 115 4.12 -2.27 27.31
C SER A 115 2.67 -2.43 27.78
N LYS A 116 2.36 -1.82 28.92
CA LYS A 116 1.00 -1.83 29.45
C LYS A 116 0.10 -0.91 28.65
N ILE A 117 0.68 0.17 28.12
CA ILE A 117 -0.05 1.13 27.31
C ILE A 117 -0.66 0.46 26.08
N LYS A 118 0.12 -0.42 25.45
CA LYS A 118 -0.33 -1.08 24.23
C LYS A 118 -1.54 -1.99 24.47
N GLU A 119 -1.81 -2.28 25.73
CA GLU A 119 -2.87 -3.21 26.10
C GLU A 119 -4.19 -2.51 26.36
N LEU A 120 -4.13 -1.18 26.46
CA LEU A 120 -5.33 -0.39 26.76
C LEU A 120 -6.29 -0.38 25.59
N ASP A 121 -7.54 -0.05 25.86
CA ASP A 121 -8.56 0.04 24.81
C ASP A 121 -8.20 1.17 23.87
N SER A 122 -8.60 1.04 22.61
CA SER A 122 -8.31 2.05 21.61
C SER A 122 -9.06 3.33 21.95
N GLY A 123 -8.40 4.46 21.79
CA GLY A 123 -9.02 5.75 22.07
C GLY A 123 -8.76 6.25 23.47
N THR A 124 -8.05 5.46 24.27
CA THR A 124 -7.71 5.87 25.64
C THR A 124 -6.74 7.03 25.55
N LEU A 125 -6.83 7.96 26.49
CA LEU A 125 -5.97 9.14 26.47
C LEU A 125 -4.73 8.88 27.32
N ILE A 126 -3.58 9.18 26.74
CA ILE A 126 -2.31 8.83 27.39
C ILE A 126 -1.50 10.05 27.76
N TYR A 127 -1.01 10.05 28.99
CA TYR A 127 -0.22 11.14 29.53
C TYR A 127 1.06 10.55 30.06
N GLY A 128 2.17 11.27 29.90
CA GLY A 128 3.39 10.79 30.53
C GLY A 128 4.69 11.39 30.02
N VAL A 129 5.77 11.10 30.71
CA VAL A 129 7.09 11.52 30.27
C VAL A 129 7.82 10.31 29.69
N PHE A 130 8.30 10.47 28.46
CA PHE A 130 8.91 9.36 27.74
C PHE A 130 10.22 9.80 27.10
N ALA A 131 11.04 8.84 26.70
CA ALA A 131 12.31 9.15 26.05
C ALA A 131 12.15 9.07 24.54
N VAL A 132 12.82 9.98 23.83
CA VAL A 132 12.67 10.10 22.38
C VAL A 132 13.88 9.55 21.62
N GLU A 133 13.61 8.85 20.52
CA GLU A 133 14.67 8.23 19.71
C GLU A 133 14.77 8.80 18.30
N LYS A 134 13.70 9.42 17.82
CA LYS A 134 13.67 9.93 16.46
C LYS A 134 12.87 11.20 16.32
N LYS A 135 13.16 11.96 15.27
CA LYS A 135 12.27 13.02 14.85
C LYS A 135 12.26 13.02 13.34
N LYS A 136 11.11 12.71 12.75
CA LYS A 136 11.00 12.63 11.30
C LYS A 136 9.99 13.68 10.87
N VAL A 137 10.36 14.48 9.88
CA VAL A 137 9.49 15.57 9.46
C VAL A 137 8.88 15.36 8.09
N ASN A 138 7.56 15.44 8.04
CA ASN A 138 6.82 15.34 6.78
C ASN A 138 6.06 16.63 6.62
N ASP A 139 5.48 16.84 5.44
CA ASP A 139 4.75 18.09 5.19
C ASP A 139 3.60 18.23 6.15
N LYS A 140 2.95 17.11 6.42
CA LYS A 140 1.66 17.13 7.09
C LYS A 140 1.62 16.39 8.42
N SER A 141 2.80 16.00 8.92
CA SER A 141 2.89 15.30 10.18
C SER A 141 4.32 15.28 10.68
N ILE A 142 4.46 14.95 11.96
CA ILE A 142 5.75 14.79 12.60
C ILE A 142 5.65 13.48 13.34
N THR A 143 6.71 12.68 13.26
CA THR A 143 6.68 11.35 13.83
C THR A 143 7.77 11.20 14.87
N PHE A 144 7.41 10.67 16.02
CA PHE A 144 8.38 10.40 17.06
C PHE A 144 8.38 8.91 17.32
N LYS A 145 9.44 8.43 17.94
CA LYS A 145 9.44 7.10 18.49
C LYS A 145 9.83 7.28 19.94
N ILE A 146 8.96 6.84 20.85
CA ILE A 146 9.27 7.00 22.26
C ILE A 146 9.49 5.65 22.92
N LYS A 147 10.43 5.63 23.87
CA LYS A 147 10.91 4.40 24.45
C LYS A 147 10.89 4.39 25.97
N ASP A 148 10.95 3.18 26.52
CA ASP A 148 11.06 2.93 27.93
C ASP A 148 12.24 1.97 28.08
N ASN A 149 12.28 1.22 29.17
CA ASN A 149 13.30 0.20 29.34
C ASN A 149 12.97 -1.09 28.58
N GLU A 150 11.70 -1.29 28.25
CA GLU A 150 11.27 -2.58 27.68
C GLU A 150 10.46 -2.50 26.38
N ASP A 151 10.12 -1.29 25.92
CA ASP A 151 9.28 -1.16 24.75
C ASP A 151 9.34 0.22 24.11
N ASN A 152 8.67 0.34 22.97
CA ASN A 152 8.63 1.59 22.23
C ASN A 152 7.34 1.73 21.45
N ILE A 153 6.97 2.97 21.14
CA ILE A 153 5.77 3.18 20.34
C ILE A 153 5.95 4.41 19.47
N LYS A 154 5.21 4.47 18.37
CA LYS A 154 5.34 5.55 17.41
C LYS A 154 4.28 6.60 17.70
N VAL A 155 4.67 7.85 17.56
CA VAL A 155 3.79 8.98 17.85
C VAL A 155 3.58 9.82 16.61
N VAL A 156 2.32 10.14 16.32
CA VAL A 156 1.98 10.94 15.15
C VAL A 156 1.39 12.29 15.57
N TRP A 157 1.96 13.37 15.04
CA TRP A 157 1.44 14.69 15.32
C TRP A 157 1.17 15.45 14.04
N ASP A 158 -0.09 15.61 13.70
CA ASP A 158 -0.44 16.37 12.52
C ASP A 158 -0.87 17.80 12.76
N LYS A 159 -0.90 18.24 14.01
CA LYS A 159 -1.46 19.53 14.37
C LYS A 159 -0.79 20.86 13.96
N GLU A 160 0.51 21.00 14.16
CA GLU A 160 1.23 22.19 13.74
C GLU A 160 2.68 21.82 13.87
N GLN A 161 3.59 22.52 13.22
CA GLN A 161 4.94 22.02 13.29
C GLN A 161 5.79 22.94 14.15
N HIS A 162 5.20 24.08 14.50
CA HIS A 162 5.83 25.05 15.38
C HIS A 162 6.06 24.40 16.73
N ASN A 163 6.83 25.06 17.59
CA ASN A 163 7.05 24.59 18.97
C ASN A 163 7.26 23.09 19.14
N ILE A 164 7.96 22.47 18.19
CA ILE A 164 8.25 21.04 18.29
C ILE A 164 9.74 20.87 18.07
N ASN A 165 10.44 20.44 19.12
CA ASN A 165 11.89 20.35 19.09
C ASN A 165 12.41 19.40 20.16
N LYS A 171 12.56 12.66 27.72
CA LYS A 171 12.72 14.10 27.89
C LYS A 171 11.52 14.84 27.32
N LEU A 172 10.47 14.09 26.98
CA LEU A 172 9.29 14.68 26.37
C LEU A 172 8.05 14.32 27.18
N GLN A 173 7.29 15.35 27.54
CA GLN A 173 6.05 15.13 28.27
C GLN A 173 4.85 15.30 27.34
N LEU A 174 3.96 14.31 27.39
CA LEU A 174 2.80 14.24 26.50
C LEU A 174 1.51 14.32 27.29
N PHE A 175 0.56 15.09 26.78
CA PHE A 175 -0.75 15.27 27.39
C PHE A 175 -1.86 14.95 26.41
N SER A 176 -2.77 14.05 26.81
CA SER A 176 -3.97 13.77 26.03
C SER A 176 -3.67 13.31 24.60
N PHE A 177 -2.74 12.38 24.46
CA PHE A 177 -2.53 11.75 23.17
C PHE A 177 -3.48 10.58 23.04
N HIS A 178 -3.80 10.21 21.81
CA HIS A 178 -4.78 9.15 21.56
C HIS A 178 -4.10 7.84 21.16
N LEU A 179 -4.44 6.78 21.89
CA LEU A 179 -3.93 5.44 21.61
C LEU A 179 -4.72 4.79 20.48
N ARG A 180 -4.00 4.30 19.48
CA ARG A 180 -4.63 3.62 18.36
C ARG A 180 -4.03 2.25 18.16
N LYS A 181 -4.81 1.21 18.37
CA LYS A 181 -4.37 -0.13 18.06
C LYS A 181 -5.06 -0.42 16.76
N GLY A 182 -4.34 -0.24 15.68
CA GLY A 182 -4.96 -0.24 14.39
C GLY A 182 -5.00 -1.66 13.98
N ASN A 183 -5.17 -1.89 12.70
CA ASN A 183 -4.91 -3.21 12.17
C ASN A 183 -3.44 -3.48 12.45
N GLY A 184 -2.64 -2.43 12.39
CA GLY A 184 -1.20 -2.54 12.48
C GLY A 184 -0.74 -2.68 13.90
N LYS A 185 0.46 -2.19 14.17
CA LYS A 185 1.00 -1.99 15.50
C LYS A 185 0.41 -0.74 16.13
N PRO A 186 0.40 -0.66 17.45
CA PRO A 186 -0.16 0.53 18.10
C PRO A 186 0.68 1.80 17.94
N ILE A 187 -0.02 2.94 17.90
CA ILE A 187 0.62 4.24 17.83
C ILE A 187 -0.08 5.23 18.76
N LEU A 188 0.58 6.34 19.03
CA LEU A 188 -0.02 7.45 19.75
C LEU A 188 -0.25 8.60 18.79
N HIS A 189 -1.50 9.02 18.66
CA HIS A 189 -1.85 10.02 17.67
C HIS A 189 -2.31 11.30 18.35
N SER A 190 -2.04 12.42 17.70
CA SER A 190 -2.44 13.72 18.21
C SER A 190 -3.96 13.83 18.14
N GLY A 191 -4.53 14.59 19.06
CA GLY A 191 -5.97 14.78 19.09
C GLY A 191 -6.33 16.22 19.35
N ASN A 192 -7.58 16.48 19.72
CA ASN A 192 -8.07 17.83 19.95
C ASN A 192 -7.22 18.57 20.98
N HIS A 193 -6.88 17.88 22.06
CA HIS A 193 -6.28 18.52 23.22
C HIS A 193 -4.84 18.08 23.44
N SER A 194 -4.25 17.48 22.43
CA SER A 194 -2.88 16.99 22.53
C SER A 194 -1.90 18.12 22.73
N PHE A 195 -1.00 17.93 23.70
CA PHE A 195 -0.03 18.96 24.05
C PHE A 195 1.34 18.34 24.34
N ILE A 196 2.42 19.05 23.96
CA ILE A 196 3.77 18.55 24.17
C ILE A 196 4.62 19.55 24.96
N LYS A 197 5.23 19.07 26.03
CA LYS A 197 6.08 19.88 26.89
C LYS A 197 7.48 19.29 26.98
N GLY A 198 8.46 20.12 27.31
CA GLY A 198 9.84 19.64 27.44
C GLY A 198 10.27 19.53 28.89
N THR B 2 -10.61 2.79 -7.38
CA THR B 2 -9.73 1.87 -8.11
C THR B 2 -8.63 1.33 -7.21
N PRO B 3 -8.82 0.12 -6.64
CA PRO B 3 -9.97 -0.79 -6.59
C PRO B 3 -10.93 -0.37 -5.51
N LYS B 4 -12.09 -1.00 -5.41
CA LYS B 4 -13.07 -0.71 -4.36
C LYS B 4 -13.59 0.74 -4.40
N LYS B 5 -13.52 1.37 -5.58
CA LYS B 5 -14.04 2.74 -5.71
C LYS B 5 -15.55 2.68 -5.56
N ASN B 6 -16.09 3.69 -4.89
CA ASN B 6 -17.53 3.81 -4.67
C ASN B 6 -18.14 2.69 -3.83
N ILE B 7 -17.30 1.78 -3.36
CA ILE B 7 -17.78 0.67 -2.56
C ILE B 7 -17.88 1.10 -1.10
N SER B 8 -18.92 0.61 -0.43
CA SER B 8 -19.13 0.86 0.98
C SER B 8 -17.93 0.36 1.77
N LYS B 9 -17.65 1.03 2.88
CA LYS B 9 -16.50 0.69 3.70
C LYS B 9 -16.69 -0.66 4.38
N GLY B 10 -15.64 -1.47 4.39
CA GLY B 10 -15.67 -2.74 5.07
C GLY B 10 -16.26 -3.89 4.27
N ALA B 11 -16.69 -3.60 3.05
CA ALA B 11 -17.33 -4.61 2.20
C ALA B 11 -16.36 -5.73 1.82
N VAL B 12 -16.86 -6.97 1.84
CA VAL B 12 -16.06 -8.13 1.50
C VAL B 12 -16.06 -8.32 -0.01
N LEU B 13 -15.00 -8.90 -0.56
CA LEU B 13 -14.92 -9.14 -1.99
C LEU B 13 -15.17 -10.62 -2.24
N HIS B 14 -16.01 -10.94 -3.20
CA HIS B 14 -16.33 -12.34 -3.50
C HIS B 14 -15.83 -12.75 -4.88
N GLU B 15 -14.70 -13.45 -4.91
CA GLU B 15 -14.12 -13.87 -6.19
C GLU B 15 -14.92 -14.97 -6.89
N LYS B 16 -15.49 -15.89 -6.13
CA LYS B 16 -16.23 -17.00 -6.73
C LYS B 16 -17.46 -16.47 -7.45
N PRO B 17 -17.59 -16.84 -8.74
CA PRO B 17 -18.70 -16.35 -9.56
C PRO B 17 -20.03 -16.83 -9.04
N MET B 18 -21.06 -16.01 -9.17
CA MET B 18 -22.40 -16.42 -8.77
C MET B 18 -23.40 -15.99 -9.82
N THR B 19 -24.36 -16.86 -10.09
CA THR B 19 -25.33 -16.61 -11.14
C THR B 19 -26.67 -16.21 -10.53
N VAL B 20 -27.17 -15.06 -10.94
CA VAL B 20 -28.41 -14.54 -10.38
C VAL B 20 -29.35 -14.20 -11.50
N MET B 21 -30.61 -14.02 -11.12
CA MET B 21 -31.65 -13.61 -12.03
C MET B 21 -32.14 -12.22 -11.65
N VAL B 22 -32.20 -11.33 -12.63
CA VAL B 22 -32.60 -9.95 -12.37
C VAL B 22 -34.11 -9.83 -12.19
N LEU B 23 -34.53 -9.39 -11.01
CA LEU B 23 -35.95 -9.24 -10.72
C LEU B 23 -36.45 -7.83 -11.02
N THR B 24 -35.78 -6.83 -10.44
CA THR B 24 -36.21 -5.46 -10.66
C THR B 24 -35.00 -4.53 -10.80
N ALA B 25 -35.20 -3.38 -11.45
CA ALA B 25 -34.15 -2.39 -11.57
C ALA B 25 -34.72 -0.98 -11.59
N THR B 26 -33.95 -0.02 -11.11
CA THR B 26 -34.42 1.36 -11.06
C THR B 26 -33.74 2.13 -12.18
N GLU B 27 -34.35 3.23 -12.58
CA GLU B 27 -33.77 4.09 -13.60
C GLU B 27 -32.62 4.83 -12.95
N PRO B 28 -31.55 5.11 -13.72
CA PRO B 28 -30.33 5.73 -13.19
C PRO B 28 -30.63 7.08 -12.56
N PHE B 29 -29.92 7.39 -11.48
CA PHE B 29 -30.13 8.64 -10.78
C PHE B 29 -28.80 9.12 -10.20
N ASN B 30 -28.76 10.41 -9.87
CA ASN B 30 -27.56 10.99 -9.30
C ASN B 30 -27.63 10.95 -7.78
N TYR B 31 -26.81 10.11 -7.18
CA TYR B 31 -26.83 9.88 -5.74
C TYR B 31 -25.88 10.80 -5.00
N LYS B 32 -24.98 11.43 -5.72
CA LYS B 32 -24.06 12.38 -5.14
C LYS B 32 -23.68 13.43 -6.17
N GLU B 33 -23.64 14.69 -5.74
CA GLU B 33 -23.35 15.79 -6.64
C GLU B 33 -21.94 15.63 -7.16
N GLY B 34 -21.76 15.73 -8.47
CA GLY B 34 -20.43 15.66 -9.04
C GLY B 34 -19.95 14.22 -9.06
N LYS B 35 -20.85 13.29 -9.31
CA LYS B 35 -20.49 11.88 -9.37
C LYS B 35 -21.35 11.10 -10.34
N GLU B 36 -20.82 9.99 -10.84
CA GLU B 36 -21.55 9.17 -11.80
C GLU B 36 -22.83 8.67 -11.18
N ASN B 37 -23.77 8.29 -12.04
CA ASN B 37 -25.04 7.79 -11.56
C ASN B 37 -24.92 6.38 -11.00
N MET B 38 -26.00 5.93 -10.36
CA MET B 38 -26.09 4.57 -9.87
C MET B 38 -27.54 4.18 -10.05
N PHE B 39 -27.84 2.90 -9.93
CA PHE B 39 -29.22 2.45 -9.85
C PHE B 39 -29.36 1.28 -8.90
N HIS B 40 -30.57 1.07 -8.43
CA HIS B 40 -30.83 -0.03 -7.51
C HIS B 40 -31.46 -1.15 -8.29
N ALA B 41 -31.18 -2.38 -7.86
CA ALA B 41 -31.75 -3.54 -8.51
C ALA B 41 -32.03 -4.59 -7.45
N THR B 42 -32.90 -5.53 -7.79
CA THR B 42 -33.12 -6.68 -6.93
C THR B 42 -32.95 -7.90 -7.79
N VAL B 43 -32.11 -8.82 -7.33
CA VAL B 43 -31.86 -10.04 -8.09
C VAL B 43 -32.14 -11.23 -7.18
N ALA B 44 -32.12 -12.43 -7.72
CA ALA B 44 -32.42 -13.62 -6.92
C ALA B 44 -31.78 -14.87 -7.47
N THR B 45 -31.42 -15.77 -6.56
CA THR B 45 -30.98 -17.11 -6.91
C THR B 45 -31.98 -18.07 -6.31
N GLU B 46 -31.81 -19.37 -6.58
CA GLU B 46 -32.75 -20.38 -6.12
C GLU B 46 -33.00 -20.35 -4.62
N SER B 47 -32.03 -19.84 -3.87
CA SER B 47 -32.05 -19.96 -2.41
C SER B 47 -32.44 -18.67 -1.68
N GLN B 48 -32.21 -17.52 -2.31
CA GLN B 48 -32.49 -16.25 -1.67
C GLN B 48 -32.44 -15.09 -2.66
N TYR B 49 -32.96 -13.95 -2.24
CA TYR B 49 -32.88 -12.75 -3.06
C TYR B 49 -31.89 -11.76 -2.49
N TYR B 50 -31.30 -10.97 -3.37
CA TYR B 50 -30.31 -9.99 -3.00
C TYR B 50 -30.76 -8.60 -3.45
N ARG B 51 -30.30 -7.60 -2.70
CA ARG B 51 -30.48 -6.21 -3.03
C ARG B 51 -29.15 -5.75 -3.62
N VAL B 52 -29.20 -4.95 -4.66
CA VAL B 52 -28.00 -4.61 -5.42
C VAL B 52 -27.89 -3.12 -5.70
N LYS B 53 -26.68 -2.60 -5.48
CA LYS B 53 -26.33 -1.23 -5.88
C LYS B 53 -25.29 -1.35 -6.97
N VAL B 54 -25.57 -0.72 -8.11
CA VAL B 54 -24.67 -0.83 -9.26
C VAL B 54 -24.11 0.54 -9.61
N PHE B 55 -22.79 0.63 -9.67
CA PHE B 55 -22.11 1.91 -9.89
C PHE B 55 -21.41 1.96 -11.24
N ASN B 56 -21.44 0.85 -11.96
CA ASN B 56 -20.89 0.82 -13.31
C ASN B 56 -22.05 0.92 -14.30
N MET B 57 -22.22 2.09 -14.88
CA MET B 57 -23.33 2.35 -15.75
C MET B 57 -23.21 1.64 -17.09
N ASP B 58 -22.05 1.10 -17.37
CA ASP B 58 -21.88 0.31 -18.59
C ASP B 58 -22.76 -0.93 -18.51
N LEU B 59 -23.21 -1.26 -17.30
CA LEU B 59 -23.97 -2.46 -17.04
C LEU B 59 -25.49 -2.27 -16.99
N LYS B 60 -25.96 -1.05 -17.21
CA LYS B 60 -27.38 -0.76 -17.00
C LYS B 60 -28.27 -1.57 -17.96
N GLU B 61 -27.78 -1.80 -19.17
CA GLU B 61 -28.54 -2.54 -20.18
C GLU B 61 -28.70 -4.00 -19.76
N LYS B 62 -27.65 -4.54 -19.14
CA LYS B 62 -27.65 -5.92 -18.68
C LYS B 62 -28.68 -6.18 -17.57
N PHE B 63 -28.96 -5.15 -16.78
CA PHE B 63 -29.91 -5.30 -15.68
C PHE B 63 -31.36 -5.05 -16.11
N THR B 64 -31.91 -6.01 -16.83
CA THR B 64 -33.31 -6.00 -17.20
C THR B 64 -33.99 -7.24 -16.62
N GLU B 65 -35.27 -7.13 -16.31
CA GLU B 65 -36.02 -8.17 -15.60
C GLU B 65 -35.98 -9.53 -16.30
N ASN B 66 -35.80 -10.57 -15.47
CA ASN B 66 -35.81 -11.97 -15.89
C ASN B 66 -34.58 -12.38 -16.70
N LYS B 67 -33.56 -11.53 -16.73
CA LYS B 67 -32.33 -11.90 -17.42
C LYS B 67 -31.36 -12.54 -16.43
N PHE B 68 -30.71 -13.60 -16.87
CA PHE B 68 -29.78 -14.32 -16.01
C PHE B 68 -28.36 -13.86 -16.28
N ILE B 69 -27.66 -13.47 -15.22
CA ILE B 69 -26.29 -13.00 -15.37
C ILE B 69 -25.36 -13.61 -14.32
N THR B 70 -24.07 -13.62 -14.61
CA THR B 70 -23.07 -14.15 -13.70
C THR B 70 -22.17 -13.01 -13.27
N ILE B 71 -21.89 -12.94 -11.96
CA ILE B 71 -21.06 -11.87 -11.43
C ILE B 71 -19.91 -12.44 -10.60
N SER B 72 -18.71 -11.93 -10.81
CA SER B 72 -17.55 -12.37 -10.02
C SER B 72 -16.80 -11.18 -9.44
N LYS B 73 -16.22 -11.38 -8.26
CA LYS B 73 -15.45 -10.31 -7.60
C LYS B 73 -16.33 -9.10 -7.35
N TYR B 74 -17.61 -9.38 -7.09
CA TYR B 74 -18.57 -8.38 -6.65
C TYR B 74 -18.35 -8.15 -5.17
N PHE B 75 -18.99 -7.15 -4.59
CA PHE B 75 -18.79 -6.89 -3.18
C PHE B 75 -20.04 -7.18 -2.37
N ASN B 76 -19.83 -7.56 -1.11
CA ASN B 76 -20.91 -7.81 -0.18
C ASN B 76 -20.72 -6.98 1.08
N SER B 77 -21.60 -6.01 1.28
CA SER B 77 -21.58 -5.21 2.50
C SER B 77 -22.84 -5.46 3.31
N SER B 78 -22.74 -6.38 4.26
CA SER B 78 -23.84 -6.67 5.17
C SER B 78 -25.14 -7.05 4.46
N GLY B 79 -25.03 -8.00 3.53
CA GLY B 79 -26.19 -8.54 2.84
C GLY B 79 -26.59 -7.79 1.60
N ILE B 80 -25.85 -6.74 1.27
CA ILE B 80 -26.13 -5.96 0.08
C ILE B 80 -25.00 -6.16 -0.92
N LEU B 81 -25.35 -6.39 -2.18
CA LEU B 81 -24.34 -6.59 -3.20
C LEU B 81 -24.03 -5.27 -3.88
N GLU B 82 -22.74 -4.92 -3.90
CA GLU B 82 -22.31 -3.69 -4.52
C GLU B 82 -21.41 -4.02 -5.72
N ILE B 83 -21.69 -3.37 -6.84
CA ILE B 83 -20.97 -3.65 -8.07
C ILE B 83 -20.34 -2.39 -8.63
N ASN B 84 -19.03 -2.45 -8.84
CA ASN B 84 -18.30 -1.34 -9.44
C ASN B 84 -17.57 -1.78 -10.69
N GLU B 85 -16.77 -0.89 -11.24
CA GLU B 85 -16.10 -1.12 -12.52
C GLU B 85 -15.11 -2.27 -12.38
N THR B 86 -14.82 -2.64 -11.14
CA THR B 86 -13.89 -3.72 -10.81
C THR B 86 -14.47 -5.11 -11.07
N ALA B 87 -15.79 -5.23 -10.93
CA ALA B 87 -16.43 -6.55 -11.00
C ALA B 87 -16.65 -7.02 -12.42
N THR B 88 -16.62 -8.35 -12.61
CA THR B 88 -16.83 -8.93 -13.93
C THR B 88 -18.26 -9.45 -14.02
N VAL B 89 -18.97 -8.98 -15.04
CA VAL B 89 -20.35 -9.38 -15.25
C VAL B 89 -20.53 -9.97 -16.64
N SER B 90 -21.00 -11.21 -16.68
CA SER B 90 -21.16 -11.93 -17.93
C SER B 90 -22.60 -12.33 -18.12
N GLU B 91 -23.02 -12.45 -19.36
CA GLU B 91 -24.30 -13.07 -19.69
C GLU B 91 -24.32 -14.55 -19.32
N ALA B 92 -25.45 -15.03 -18.84
CA ALA B 92 -25.51 -16.33 -18.24
C ALA B 92 -25.73 -17.49 -19.22
N ALA B 93 -24.89 -18.50 -19.06
CA ALA B 93 -24.94 -19.69 -19.88
C ALA B 93 -26.23 -20.41 -19.59
N PRO B 94 -26.96 -20.86 -20.70
CA PRO B 94 -28.33 -21.20 -20.38
C PRO B 94 -28.37 -22.34 -19.43
N ASN B 95 -27.47 -23.27 -19.62
CA ASN B 95 -27.47 -24.44 -18.75
C ASN B 95 -27.34 -24.02 -17.31
N GLN B 96 -26.84 -22.80 -17.11
CA GLN B 96 -26.65 -22.26 -15.77
C GLN B 96 -27.85 -21.49 -15.28
N MET B 97 -28.86 -21.37 -16.14
CA MET B 97 -30.11 -20.76 -15.73
C MET B 97 -30.82 -21.69 -14.76
N PHE B 98 -31.74 -21.13 -13.98
CA PHE B 98 -32.49 -21.90 -13.00
C PHE B 98 -33.87 -21.30 -12.81
N GLU B 99 -34.63 -21.85 -11.86
CA GLU B 99 -35.92 -21.29 -11.54
C GLU B 99 -35.94 -20.72 -10.13
N VAL B 100 -36.39 -19.48 -10.00
CA VAL B 100 -36.51 -18.87 -8.69
C VAL B 100 -37.91 -19.13 -8.15
N PRO B 101 -37.99 -19.80 -7.00
CA PRO B 101 -39.25 -20.15 -6.34
C PRO B 101 -40.14 -18.92 -6.16
N LYS B 102 -41.44 -19.11 -6.29
CA LYS B 102 -42.39 -18.00 -6.25
C LYS B 102 -42.32 -17.29 -4.91
N ASN B 103 -42.07 -18.06 -3.85
CA ASN B 103 -42.00 -17.50 -2.50
C ASN B 103 -40.86 -16.49 -2.35
N ILE B 104 -39.74 -16.75 -3.03
CA ILE B 104 -38.60 -15.86 -3.00
C ILE B 104 -38.90 -14.51 -3.67
N ILE B 105 -39.54 -14.57 -4.83
CA ILE B 105 -39.92 -13.35 -5.54
C ILE B 105 -40.92 -12.57 -4.69
N ARG B 106 -41.87 -13.29 -4.10
CA ARG B 106 -42.87 -12.69 -3.24
C ARG B 106 -42.22 -11.99 -2.05
N SER B 107 -41.19 -12.64 -1.49
CA SER B 107 -40.44 -12.09 -0.37
C SER B 107 -39.71 -10.82 -0.80
N ALA B 108 -39.16 -10.87 -2.01
CA ALA B 108 -38.41 -9.75 -2.57
C ALA B 108 -39.30 -8.53 -2.78
N LYS B 109 -40.55 -8.75 -3.18
CA LYS B 109 -41.48 -7.64 -3.39
C LYS B 109 -42.12 -7.14 -2.10
N GLU B 110 -42.26 -8.02 -1.11
CA GLU B 110 -42.98 -7.70 0.12
C GLU B 110 -42.29 -6.66 0.99
N THR B 111 -43.10 -5.81 1.62
CA THR B 111 -42.58 -4.77 2.49
C THR B 111 -42.80 -5.13 3.95
N LEU B 112 -41.73 -4.96 4.73
CA LEU B 112 -41.73 -5.30 6.14
C LEU B 112 -42.62 -4.32 6.89
N LYS B 113 -43.02 -4.70 8.10
CA LYS B 113 -43.87 -3.86 8.92
C LYS B 113 -42.99 -2.92 9.72
N ILE B 114 -43.47 -1.70 9.93
CA ILE B 114 -42.68 -0.68 10.62
C ILE B 114 -42.32 -1.12 12.04
N SER B 115 -43.26 -1.79 12.71
CA SER B 115 -43.04 -2.31 14.05
C SER B 115 -41.86 -3.25 14.06
N LYS B 116 -41.79 -4.10 13.04
CA LYS B 116 -40.70 -5.04 12.89
C LYS B 116 -39.42 -4.31 12.47
N ILE B 117 -39.58 -3.27 11.67
CA ILE B 117 -38.45 -2.47 11.20
C ILE B 117 -37.69 -1.84 12.36
N LYS B 118 -38.43 -1.34 13.33
CA LYS B 118 -37.85 -0.61 14.46
C LYS B 118 -36.95 -1.47 15.35
N GLU B 119 -37.05 -2.79 15.19
CA GLU B 119 -36.31 -3.70 16.05
C GLU B 119 -34.96 -4.09 15.46
N LEU B 120 -34.74 -3.71 14.20
CA LEU B 120 -33.50 -4.05 13.52
C LEU B 120 -32.35 -3.30 14.15
N ASP B 121 -31.12 -3.77 13.93
CA ASP B 121 -29.95 -3.09 14.48
C ASP B 121 -29.84 -1.72 13.84
N SER B 122 -29.29 -0.77 14.59
CA SER B 122 -29.13 0.58 14.07
C SER B 122 -28.10 0.55 12.94
N GLY B 123 -28.38 1.28 11.87
CA GLY B 123 -27.51 1.29 10.71
C GLY B 123 -27.96 0.34 9.61
N THR B 124 -29.02 -0.40 9.86
CA THR B 124 -29.57 -1.33 8.88
C THR B 124 -30.23 -0.55 7.75
N LEU B 125 -30.17 -1.09 6.53
CA LEU B 125 -30.71 -0.42 5.37
C LEU B 125 -32.14 -0.87 5.12
N ILE B 126 -33.02 0.10 4.87
CA ILE B 126 -34.44 -0.18 4.78
C ILE B 126 -34.97 0.05 3.36
N TYR B 127 -35.71 -0.95 2.87
CA TYR B 127 -36.35 -0.88 1.57
C TYR B 127 -37.81 -1.23 1.77
N GLY B 128 -38.70 -0.54 1.07
CA GLY B 128 -40.10 -0.88 1.11
C GLY B 128 -41.03 0.19 0.58
N VAL B 129 -42.30 -0.16 0.43
CA VAL B 129 -43.33 0.80 0.04
C VAL B 129 -44.21 1.13 1.25
N PHE B 130 -44.38 2.42 1.50
CA PHE B 130 -45.09 2.90 2.68
C PHE B 130 -46.09 3.99 2.33
N ALA B 131 -47.01 4.24 3.24
CA ALA B 131 -48.01 5.28 3.05
C ALA B 131 -47.58 6.56 3.75
N VAL B 132 -47.93 7.70 3.17
CA VAL B 132 -47.50 8.99 3.67
C VAL B 132 -48.61 9.60 4.51
N GLU B 133 -48.24 10.16 5.65
CA GLU B 133 -49.24 10.69 6.57
C GLU B 133 -49.12 12.20 6.69
N LYS B 134 -47.89 12.69 6.61
CA LYS B 134 -47.63 14.11 6.68
C LYS B 134 -46.31 14.44 6.00
N LYS B 135 -46.16 15.68 5.54
CA LYS B 135 -44.93 16.11 4.89
C LYS B 135 -44.52 17.49 5.35
N LYS B 136 -43.29 17.58 5.83
CA LYS B 136 -42.81 18.82 6.37
C LYS B 136 -41.62 19.27 5.54
N VAL B 137 -41.65 20.51 5.07
CA VAL B 137 -40.59 21.06 4.25
C VAL B 137 -39.84 22.10 5.02
N ASN B 138 -38.54 21.93 5.09
CA ASN B 138 -37.67 22.83 5.79
C ASN B 138 -36.64 23.43 4.87
N ASP B 139 -35.80 24.31 5.40
CA ASP B 139 -34.72 24.86 4.64
C ASP B 139 -33.68 23.87 4.23
N LYS B 140 -33.32 23.01 5.15
CA LYS B 140 -32.22 22.09 4.94
C LYS B 140 -32.63 20.64 4.80
N SER B 141 -33.92 20.39 4.81
CA SER B 141 -34.38 19.03 4.74
C SER B 141 -35.83 18.98 4.39
N ILE B 142 -36.31 17.82 4.01
CA ILE B 142 -37.74 17.54 3.93
C ILE B 142 -37.93 16.30 4.78
N THR B 143 -38.97 16.30 5.59
CA THR B 143 -39.22 15.19 6.50
C THR B 143 -40.63 14.68 6.26
N PHE B 144 -40.75 13.36 6.23
CA PHE B 144 -42.06 12.74 6.07
C PHE B 144 -42.38 11.96 7.32
N LYS B 145 -43.65 11.63 7.50
CA LYS B 145 -44.06 10.71 8.53
C LYS B 145 -44.75 9.61 7.75
N ILE B 146 -44.27 8.38 7.86
CA ILE B 146 -44.88 7.29 7.13
C ILE B 146 -45.59 6.35 8.09
N LYS B 147 -46.69 5.76 7.64
CA LYS B 147 -47.54 5.04 8.56
C LYS B 147 -47.80 3.62 8.09
N ASP B 148 -48.36 2.83 8.99
CA ASP B 148 -48.54 1.42 8.83
C ASP B 148 -49.93 1.09 9.28
N ASN B 149 -50.32 -0.17 9.18
CA ASN B 149 -51.55 -0.60 9.81
C ASN B 149 -51.40 -0.38 11.32
N GLU B 150 -50.26 -0.73 11.90
CA GLU B 150 -50.08 -0.58 13.34
C GLU B 150 -49.25 0.56 13.91
N ASP B 151 -48.38 1.13 13.10
CA ASP B 151 -47.33 2.01 13.56
C ASP B 151 -46.83 3.01 12.52
N ASN B 152 -45.96 3.90 12.95
CA ASN B 152 -45.45 4.97 12.11
C ASN B 152 -44.01 5.33 12.45
N ILE B 153 -43.31 5.91 11.48
CA ILE B 153 -41.94 6.34 11.72
C ILE B 153 -41.58 7.56 10.86
N LYS B 154 -40.59 8.33 11.30
CA LYS B 154 -40.23 9.54 10.60
C LYS B 154 -39.11 9.28 9.61
N VAL B 155 -39.20 9.94 8.46
CA VAL B 155 -38.23 9.78 7.41
C VAL B 155 -37.55 11.13 7.19
N VAL B 156 -36.24 11.18 7.29
CA VAL B 156 -35.51 12.39 7.01
C VAL B 156 -34.84 12.27 5.66
N TRP B 157 -35.03 13.28 4.84
CA TRP B 157 -34.40 13.30 3.56
C TRP B 157 -33.70 14.61 3.50
N ASP B 158 -32.39 14.61 3.37
CA ASP B 158 -31.67 15.87 3.30
C ASP B 158 -30.75 15.82 2.10
N LYS B 159 -31.34 15.92 0.91
CA LYS B 159 -30.64 15.74 -0.33
C LYS B 159 -31.43 16.48 -1.40
N GLU B 167 -45.81 12.74 -3.19
CA GLU B 167 -45.23 13.83 -2.42
C GLU B 167 -45.93 13.99 -1.09
N LYS B 168 -47.25 14.04 -1.09
CA LYS B 168 -48.06 14.09 0.13
C LYS B 168 -49.12 13.02 0.08
N GLY B 169 -49.35 12.27 1.15
CA GLY B 169 -50.49 11.36 1.22
C GLY B 169 -50.65 10.28 0.15
N ASP B 170 -49.52 9.79 -0.36
CA ASP B 170 -49.45 8.84 -1.45
C ASP B 170 -48.58 7.67 -1.06
N LYS B 171 -48.35 6.72 -1.94
CA LYS B 171 -47.44 5.64 -1.56
C LYS B 171 -46.05 5.96 -2.05
N LEU B 172 -45.08 5.63 -1.20
CA LEU B 172 -43.70 5.96 -1.40
C LEU B 172 -42.83 4.72 -1.34
N GLN B 173 -41.99 4.52 -2.34
CA GLN B 173 -41.02 3.44 -2.27
C GLN B 173 -39.66 3.99 -1.90
N LEU B 174 -39.03 3.34 -0.93
CA LEU B 174 -37.77 3.81 -0.40
C LEU B 174 -36.66 2.82 -0.74
N PHE B 175 -35.51 3.37 -1.11
CA PHE B 175 -34.35 2.56 -1.42
C PHE B 175 -33.18 3.01 -0.56
N SER B 176 -32.60 2.07 0.17
CA SER B 176 -31.37 2.29 0.93
C SER B 176 -31.48 3.45 1.91
N PHE B 177 -32.57 3.49 2.67
CA PHE B 177 -32.67 4.45 3.76
C PHE B 177 -32.02 3.84 4.99
N HIS B 178 -31.54 4.68 5.88
CA HIS B 178 -30.81 4.19 7.03
C HIS B 178 -31.65 4.24 8.29
N LEU B 179 -31.72 3.10 8.98
CA LEU B 179 -32.44 3.01 10.23
C LEU B 179 -31.57 3.65 11.29
N ARG B 180 -32.15 4.60 12.02
CA ARG B 180 -31.41 5.33 13.03
C ARG B 180 -32.09 5.19 14.38
N LYS B 181 -31.40 4.52 15.29
CA LYS B 181 -31.89 4.28 16.63
C LYS B 181 -31.00 4.97 17.66
N GLY B 182 -31.21 4.64 18.93
CA GLY B 182 -30.49 5.29 20.01
C GLY B 182 -31.48 5.94 20.94
N ASN B 183 -31.11 7.08 21.50
CA ASN B 183 -32.05 7.85 22.30
C ASN B 183 -33.10 8.47 21.40
N GLY B 184 -34.35 8.47 21.86
CA GLY B 184 -35.44 8.99 21.07
C GLY B 184 -36.04 7.89 20.22
N LYS B 185 -37.20 8.19 19.64
CA LYS B 185 -37.87 7.28 18.74
C LYS B 185 -37.01 7.07 17.49
N PRO B 186 -36.97 5.84 16.97
CA PRO B 186 -36.20 5.54 15.77
C PRO B 186 -36.70 6.34 14.57
N ILE B 187 -35.80 6.66 13.64
CA ILE B 187 -36.18 7.36 12.42
C ILE B 187 -35.50 6.72 11.23
N LEU B 188 -35.96 7.04 10.03
CA LEU B 188 -35.27 6.60 8.82
C LEU B 188 -34.61 7.80 8.18
N HIS B 189 -33.29 7.74 8.04
CA HIS B 189 -32.53 8.88 7.55
C HIS B 189 -31.88 8.56 6.21
N SER B 190 -31.78 9.58 5.37
CA SER B 190 -31.15 9.41 4.06
C SER B 190 -29.64 9.23 4.19
N GLY B 191 -29.06 8.50 3.24
CA GLY B 191 -27.63 8.21 3.24
C GLY B 191 -27.05 8.34 1.85
N ASN B 192 -25.89 7.72 1.62
CA ASN B 192 -25.19 7.81 0.34
C ASN B 192 -26.05 7.48 -0.86
N HIS B 193 -26.81 6.38 -0.76
CA HIS B 193 -27.49 5.85 -1.93
C HIS B 193 -29.00 5.89 -1.84
N SER B 194 -29.52 6.66 -0.89
CA SER B 194 -30.96 6.70 -0.68
C SER B 194 -31.69 7.24 -1.90
N PHE B 195 -32.75 6.54 -2.30
CA PHE B 195 -33.52 6.92 -3.47
C PHE B 195 -35.01 6.78 -3.19
N ILE B 196 -35.80 7.67 -3.80
CA ILE B 196 -37.23 7.71 -3.58
C ILE B 196 -38.05 7.59 -4.87
N LYS B 197 -38.99 6.63 -4.89
CA LYS B 197 -39.83 6.47 -6.08
C LYS B 197 -41.31 6.60 -5.69
N GLY B 198 -42.13 7.02 -6.64
CA GLY B 198 -43.55 7.18 -6.41
C GLY B 198 -44.40 6.08 -7.04
N THR C 2 5.86 -9.14 5.69
CA THR C 2 5.92 -10.59 5.76
C THR C 2 4.83 -11.42 5.05
N PRO C 3 4.11 -10.86 4.05
CA PRO C 3 3.21 -11.80 3.38
C PRO C 3 3.96 -12.64 2.36
N LYS C 4 4.75 -11.98 1.52
CA LYS C 4 5.51 -12.64 0.47
C LYS C 4 6.95 -12.83 0.93
N LYS C 5 7.12 -12.97 2.24
CA LYS C 5 8.43 -13.12 2.85
C LYS C 5 9.13 -14.36 2.36
N ASN C 6 10.42 -14.21 2.07
CA ASN C 6 11.28 -15.33 1.64
C ASN C 6 10.83 -15.97 0.34
N ILE C 7 9.74 -15.46 -0.24
CA ILE C 7 9.23 -15.98 -1.50
C ILE C 7 9.94 -15.32 -2.67
N SER C 8 10.17 -16.10 -3.73
CA SER C 8 10.73 -15.55 -4.94
C SER C 8 9.73 -14.55 -5.48
N LYS C 9 10.23 -13.50 -6.12
CA LYS C 9 9.34 -12.46 -6.62
C LYS C 9 8.52 -12.94 -7.81
N GLY C 10 7.26 -12.51 -7.86
CA GLY C 10 6.37 -12.84 -8.95
C GLY C 10 5.66 -14.16 -8.78
N ALA C 11 5.93 -14.86 -7.69
CA ALA C 11 5.28 -16.14 -7.43
C ALA C 11 3.80 -15.91 -7.18
N VAL C 12 2.97 -16.78 -7.77
CA VAL C 12 1.53 -16.65 -7.64
C VAL C 12 1.10 -17.30 -6.33
N LEU C 13 0.00 -16.81 -5.76
CA LEU C 13 -0.50 -17.38 -4.51
C LEU C 13 -1.69 -18.26 -4.82
N HIS C 14 -1.68 -19.46 -4.26
CA HIS C 14 -2.74 -20.43 -4.51
C HIS C 14 -3.53 -20.71 -3.23
N GLU C 15 -4.73 -20.15 -3.15
CA GLU C 15 -5.56 -20.30 -1.95
C GLU C 15 -6.14 -21.70 -1.84
N LYS C 16 -6.52 -22.30 -2.98
CA LYS C 16 -7.16 -23.61 -2.94
C LYS C 16 -6.20 -24.68 -2.46
N PRO C 17 -6.64 -25.47 -1.47
CA PRO C 17 -5.84 -26.54 -0.89
C PRO C 17 -5.53 -27.62 -1.92
N MET C 18 -4.36 -28.23 -1.77
CA MET C 18 -4.00 -29.37 -2.60
C MET C 18 -3.39 -30.41 -1.69
N THR C 19 -3.74 -31.67 -1.90
CA THR C 19 -3.22 -32.72 -1.05
C THR C 19 -2.17 -33.48 -1.83
N VAL C 20 -0.99 -33.58 -1.23
CA VAL C 20 0.17 -34.19 -1.86
C VAL C 20 0.78 -35.23 -0.94
N MET C 21 1.62 -36.08 -1.51
CA MET C 21 2.34 -37.07 -0.73
C MET C 21 3.81 -36.72 -0.73
N VAL C 22 4.42 -36.71 0.44
CA VAL C 22 5.82 -36.36 0.54
C VAL C 22 6.67 -37.52 0.07
N LEU C 23 7.43 -37.29 -1.00
CA LEU C 23 8.30 -38.33 -1.55
C LEU C 23 9.68 -38.22 -0.93
N THR C 24 10.25 -37.03 -0.98
CA THR C 24 11.59 -36.86 -0.42
C THR C 24 11.71 -35.52 0.31
N ALA C 25 12.64 -35.43 1.25
CA ALA C 25 12.90 -34.18 1.96
C ALA C 25 14.37 -34.08 2.33
N THR C 26 14.88 -32.86 2.40
CA THR C 26 16.28 -32.63 2.71
C THR C 26 16.48 -32.09 4.11
N GLU C 27 17.71 -32.21 4.60
CA GLU C 27 18.08 -31.67 5.90
C GLU C 27 18.13 -30.15 5.76
N PRO C 28 17.72 -29.42 6.81
CA PRO C 28 17.76 -27.96 6.77
C PRO C 28 19.18 -27.45 6.59
N PHE C 29 19.33 -26.36 5.85
CA PHE C 29 20.66 -25.81 5.57
C PHE C 29 20.57 -24.30 5.50
N ASN C 30 21.73 -23.64 5.55
CA ASN C 30 21.77 -22.19 5.51
C ASN C 30 21.96 -21.68 4.09
N TYR C 31 20.93 -21.06 3.53
CA TYR C 31 21.00 -20.61 2.13
C TYR C 31 21.43 -19.15 2.00
N LYS C 32 21.33 -18.40 3.09
CA LYS C 32 21.82 -17.03 3.12
C LYS C 32 22.19 -16.73 4.56
N GLU C 33 23.32 -16.06 4.75
CA GLU C 33 23.83 -15.82 6.08
C GLU C 33 22.87 -14.91 6.85
N GLY C 34 22.63 -15.25 8.11
CA GLY C 34 21.74 -14.48 8.96
C GLY C 34 20.27 -14.79 8.79
N LYS C 35 19.95 -15.69 7.86
CA LYS C 35 18.57 -16.11 7.67
C LYS C 35 18.31 -17.50 8.23
N GLU C 36 17.06 -17.76 8.57
CA GLU C 36 16.66 -19.05 9.11
C GLU C 36 16.90 -20.09 8.02
N ASN C 37 17.05 -21.36 8.42
CA ASN C 37 17.34 -22.39 7.46
C ASN C 37 16.15 -22.70 6.55
N MET C 38 16.39 -23.51 5.53
CA MET C 38 15.35 -23.95 4.62
C MET C 38 15.67 -25.38 4.24
N PHE C 39 14.70 -26.07 3.65
CA PHE C 39 14.97 -27.37 3.06
C PHE C 39 14.19 -27.60 1.78
N HIS C 40 14.67 -28.55 0.98
CA HIS C 40 14.05 -28.90 -0.28
C HIS C 40 13.28 -30.20 -0.10
N ALA C 41 12.21 -30.35 -0.85
CA ALA C 41 11.42 -31.58 -0.81
C ALA C 41 10.85 -31.88 -2.18
N THR C 42 10.45 -33.13 -2.38
CA THR C 42 9.74 -33.50 -3.59
C THR C 42 8.45 -34.18 -3.16
N VAL C 43 7.34 -33.69 -3.69
CA VAL C 43 6.02 -34.21 -3.32
C VAL C 43 5.25 -34.62 -4.56
N ALA C 44 4.08 -35.21 -4.37
CA ALA C 44 3.29 -35.68 -5.51
C ALA C 44 1.79 -35.66 -5.25
N THR C 45 1.06 -35.38 -6.31
CA THR C 45 -0.39 -35.47 -6.35
C THR C 45 -0.70 -36.54 -7.38
N GLU C 46 -1.97 -36.88 -7.52
CA GLU C 46 -2.39 -37.96 -8.42
C GLU C 46 -1.90 -37.77 -9.85
N SER C 47 -1.75 -36.51 -10.25
CA SER C 47 -1.47 -36.15 -11.64
C SER C 47 -0.05 -35.65 -11.91
N GLN C 48 0.67 -35.22 -10.88
CA GLN C 48 1.96 -34.57 -11.07
C GLN C 48 2.87 -34.66 -9.86
N TYR C 49 4.16 -34.43 -10.08
CA TYR C 49 5.10 -34.31 -8.99
C TYR C 49 5.56 -32.85 -8.91
N TYR C 50 5.83 -32.39 -7.70
CA TYR C 50 6.24 -31.01 -7.49
C TYR C 50 7.54 -30.96 -6.72
N ARG C 51 8.27 -29.90 -6.95
CA ARG C 51 9.50 -29.62 -6.25
C ARG C 51 9.21 -28.46 -5.28
N VAL C 52 9.63 -28.59 -4.04
CA VAL C 52 9.19 -27.69 -2.98
C VAL C 52 10.36 -27.11 -2.21
N LYS C 53 10.25 -25.80 -1.93
CA LYS C 53 11.18 -25.11 -1.07
C LYS C 53 10.37 -24.69 0.14
N VAL C 54 10.84 -25.08 1.33
CA VAL C 54 10.12 -24.81 2.56
C VAL C 54 10.93 -23.89 3.45
N PHE C 55 10.32 -22.80 3.90
CA PHE C 55 11.03 -21.80 4.68
C PHE C 55 10.56 -21.70 6.13
N ASN C 56 9.53 -22.45 6.47
CA ASN C 56 9.07 -22.54 7.85
C ASN C 56 9.57 -23.83 8.47
N MET C 57 10.59 -23.70 9.33
CA MET C 57 11.26 -24.88 9.87
C MET C 57 10.39 -25.61 10.88
N ASP C 58 9.30 -24.97 11.30
CA ASP C 58 8.33 -25.61 12.16
C ASP C 58 7.57 -26.70 11.38
N LEU C 59 7.70 -26.66 10.06
CA LEU C 59 6.95 -27.57 9.19
C LEU C 59 7.75 -28.81 8.85
N LYS C 60 8.92 -28.92 9.47
CA LYS C 60 9.87 -29.98 9.16
C LYS C 60 9.29 -31.37 9.42
N GLU C 61 8.50 -31.48 10.48
CA GLU C 61 7.90 -32.75 10.86
C GLU C 61 6.80 -33.22 9.92
N LYS C 62 6.00 -32.30 9.38
CA LYS C 62 4.95 -32.67 8.44
C LYS C 62 5.56 -33.18 7.14
N PHE C 63 6.75 -32.66 6.81
CA PHE C 63 7.47 -33.10 5.61
C PHE C 63 8.38 -34.29 5.89
N THR C 64 7.77 -35.46 6.08
CA THR C 64 8.49 -36.70 6.26
C THR C 64 8.10 -37.68 5.17
N GLU C 65 9.01 -38.59 4.84
CA GLU C 65 8.82 -39.51 3.73
C GLU C 65 7.52 -40.30 3.86
N ASN C 66 6.81 -40.42 2.75
CA ASN C 66 5.56 -41.19 2.66
C ASN C 66 4.38 -40.61 3.43
N LYS C 67 4.49 -39.35 3.86
CA LYS C 67 3.38 -38.71 4.56
C LYS C 67 2.50 -37.89 3.61
N PHE C 68 1.20 -37.94 3.82
CA PHE C 68 0.23 -37.19 3.04
C PHE C 68 -0.16 -35.90 3.77
N ILE C 69 -0.01 -34.77 3.09
CA ILE C 69 -0.33 -33.48 3.66
C ILE C 69 -1.16 -32.62 2.70
N THR C 70 -1.90 -31.67 3.25
CA THR C 70 -2.72 -30.74 2.47
C THR C 70 -2.18 -29.33 2.67
N ILE C 71 -2.03 -28.58 1.59
CA ILE C 71 -1.49 -27.23 1.69
C ILE C 71 -2.38 -26.17 1.05
N SER C 72 -2.56 -25.07 1.76
CA SER C 72 -3.34 -23.94 1.24
C SER C 72 -2.54 -22.64 1.36
N LYS C 73 -2.79 -21.72 0.44
CA LYS C 73 -2.09 -20.44 0.37
C LYS C 73 -0.59 -20.63 0.17
N TYR C 74 -0.22 -21.69 -0.54
CA TYR C 74 1.17 -21.91 -0.91
C TYR C 74 1.50 -21.04 -2.10
N PHE C 75 2.77 -20.94 -2.44
CA PHE C 75 3.18 -20.13 -3.58
C PHE C 75 3.69 -20.99 -4.71
N ASN C 76 3.52 -20.48 -5.92
CA ASN C 76 3.99 -21.15 -7.12
C ASN C 76 4.89 -20.21 -7.90
N SER C 77 6.17 -20.55 -7.96
CA SER C 77 7.13 -19.78 -8.72
C SER C 77 7.63 -20.58 -9.91
N SER C 78 6.96 -20.40 -11.05
CA SER C 78 7.34 -21.06 -12.29
C SER C 78 7.39 -22.58 -12.15
N GLY C 79 6.34 -23.14 -11.57
CA GLY C 79 6.22 -24.58 -11.46
C GLY C 79 6.86 -25.18 -10.22
N ILE C 80 7.44 -24.33 -9.39
CA ILE C 80 8.05 -24.78 -8.15
C ILE C 80 7.26 -24.20 -6.97
N LEU C 81 6.98 -25.04 -5.98
CA LEU C 81 6.17 -24.59 -4.86
C LEU C 81 7.04 -24.05 -3.74
N GLU C 82 6.73 -22.83 -3.32
CA GLU C 82 7.45 -22.16 -2.26
C GLU C 82 6.51 -22.00 -1.08
N ILE C 83 6.99 -22.35 0.10
CA ILE C 83 6.17 -22.30 1.31
C ILE C 83 6.79 -21.44 2.39
N ASN C 84 6.05 -20.44 2.83
CA ASN C 84 6.48 -19.61 3.94
C ASN C 84 5.44 -19.59 5.06
N GLU C 85 5.68 -18.76 6.06
CA GLU C 85 4.91 -18.79 7.29
C GLU C 85 3.43 -18.44 7.15
N THR C 86 3.05 -17.82 6.03
CA THR C 86 1.66 -17.42 5.82
C THR C 86 0.77 -18.59 5.42
N ALA C 87 1.34 -19.61 4.83
CA ALA C 87 0.54 -20.69 4.27
C ALA C 87 0.05 -21.61 5.37
N THR C 88 -1.14 -22.16 5.16
CA THR C 88 -1.71 -23.11 6.11
C THR C 88 -1.56 -24.51 5.55
N VAL C 89 -0.90 -25.37 6.32
CA VAL C 89 -0.68 -26.76 5.93
C VAL C 89 -1.18 -27.71 7.02
N SER C 90 -2.03 -28.64 6.62
CA SER C 90 -2.65 -29.56 7.55
C SER C 90 -2.26 -30.99 7.20
N GLU C 91 -2.14 -31.84 8.22
CA GLU C 91 -1.92 -33.26 8.01
C GLU C 91 -3.17 -33.93 7.46
N ALA C 92 -3.01 -34.70 6.39
CA ALA C 92 -4.17 -35.26 5.71
C ALA C 92 -4.82 -36.40 6.49
N ALA C 93 -6.12 -36.52 6.30
CA ALA C 93 -6.94 -37.58 6.87
C ALA C 93 -7.12 -38.67 5.82
N PRO C 94 -7.37 -39.92 6.24
CA PRO C 94 -7.45 -41.06 5.32
C PRO C 94 -8.44 -40.84 4.18
N ASN C 95 -9.39 -39.93 4.37
CA ASN C 95 -10.41 -39.68 3.37
C ASN C 95 -9.93 -38.96 2.11
N GLN C 96 -8.92 -38.11 2.25
CA GLN C 96 -8.38 -37.37 1.11
C GLN C 96 -7.11 -38.01 0.54
N MET C 97 -6.68 -39.10 1.18
CA MET C 97 -5.53 -39.85 0.71
C MET C 97 -5.81 -40.55 -0.61
N PHE C 98 -4.77 -40.69 -1.42
CA PHE C 98 -4.84 -41.38 -2.70
C PHE C 98 -3.59 -42.23 -2.85
N GLU C 99 -3.41 -42.87 -4.00
CA GLU C 99 -2.16 -43.58 -4.25
C GLU C 99 -1.44 -42.96 -5.43
N VAL C 100 -0.13 -42.77 -5.29
CA VAL C 100 0.67 -42.13 -6.34
C VAL C 100 1.18 -43.13 -7.36
N PRO C 101 0.82 -42.91 -8.64
CA PRO C 101 1.23 -43.74 -9.78
C PRO C 101 2.75 -43.89 -9.86
N LYS C 102 3.21 -45.07 -10.25
CA LYS C 102 4.64 -45.36 -10.28
C LYS C 102 5.39 -44.46 -11.23
N ASN C 103 4.76 -44.13 -12.36
CA ASN C 103 5.39 -43.28 -13.37
C ASN C 103 5.68 -41.88 -12.86
N ILE C 104 4.81 -41.39 -11.99
CA ILE C 104 5.00 -40.10 -11.34
C ILE C 104 6.21 -40.16 -10.42
N ILE C 105 6.34 -41.26 -9.70
CA ILE C 105 7.48 -41.46 -8.82
C ILE C 105 8.78 -41.50 -9.62
N ARG C 106 8.75 -42.22 -10.75
CA ARG C 106 9.91 -42.34 -11.60
C ARG C 106 10.29 -40.99 -12.19
N SER C 107 9.29 -40.23 -12.61
CA SER C 107 9.51 -38.93 -13.19
C SER C 107 10.15 -38.02 -12.17
N ALA C 108 9.65 -38.10 -10.94
CA ALA C 108 10.15 -37.28 -9.85
C ALA C 108 11.60 -37.63 -9.52
N LYS C 109 11.93 -38.92 -9.60
CA LYS C 109 13.29 -39.36 -9.33
C LYS C 109 14.26 -39.24 -10.50
N GLU C 110 13.76 -39.38 -11.72
CA GLU C 110 14.63 -39.42 -12.88
C GLU C 110 15.31 -38.09 -13.16
N THR C 111 16.57 -38.16 -13.59
CA THR C 111 17.39 -36.99 -13.85
C THR C 111 17.54 -36.74 -15.33
N LEU C 112 17.39 -35.47 -15.70
CA LEU C 112 17.46 -35.05 -17.09
C LEU C 112 18.86 -35.20 -17.64
N LYS C 113 18.96 -35.18 -18.96
CA LYS C 113 20.24 -35.27 -19.64
C LYS C 113 20.81 -33.87 -19.78
N ILE C 114 22.13 -33.74 -19.65
CA ILE C 114 22.78 -32.43 -19.71
C ILE C 114 22.52 -31.76 -21.06
N SER C 115 22.52 -32.57 -22.11
CA SER C 115 22.24 -32.11 -23.46
C SER C 115 20.89 -31.43 -23.50
N LYS C 116 19.92 -32.03 -22.83
CA LYS C 116 18.57 -31.47 -22.75
C LYS C 116 18.54 -30.25 -21.83
N ILE C 117 19.37 -30.27 -20.79
CA ILE C 117 19.44 -29.16 -19.85
C ILE C 117 19.88 -27.88 -20.56
N LYS C 118 20.86 -28.01 -21.45
CA LYS C 118 21.45 -26.85 -22.12
C LYS C 118 20.48 -26.11 -23.07
N GLU C 119 19.36 -26.75 -23.41
CA GLU C 119 18.44 -26.14 -24.36
C GLU C 119 17.31 -25.38 -23.68
N LEU C 120 17.17 -25.54 -22.37
CA LEU C 120 16.10 -24.86 -21.63
C LEU C 120 16.37 -23.37 -21.58
N ASP C 121 15.33 -22.59 -21.25
CA ASP C 121 15.48 -21.15 -21.15
C ASP C 121 16.48 -20.81 -20.05
N SER C 122 17.18 -19.71 -20.25
CA SER C 122 18.17 -19.25 -19.28
C SER C 122 17.45 -18.80 -18.02
N GLY C 123 18.03 -19.13 -16.86
CA GLY C 123 17.44 -18.77 -15.59
C GLY C 123 16.54 -19.86 -15.04
N THR C 124 16.41 -20.94 -15.80
CA THR C 124 15.63 -22.09 -15.38
C THR C 124 16.32 -22.78 -14.23
N LEU C 125 15.54 -23.37 -13.32
CA LEU C 125 16.11 -24.04 -12.15
C LEU C 125 16.34 -25.52 -12.44
N ILE C 126 17.53 -26.00 -12.10
CA ILE C 126 17.98 -27.32 -12.47
C ILE C 126 18.17 -28.23 -11.26
N TYR C 127 17.61 -29.43 -11.34
CA TYR C 127 17.74 -30.43 -10.28
C TYR C 127 18.21 -31.73 -10.91
N GLY C 128 19.06 -32.47 -10.20
CA GLY C 128 19.44 -33.78 -10.68
C GLY C 128 20.63 -34.42 -10.00
N VAL C 129 20.84 -35.70 -10.31
CA VAL C 129 21.99 -36.45 -9.84
C VAL C 129 22.97 -36.60 -10.99
N PHE C 130 24.21 -36.20 -10.76
CA PHE C 130 25.21 -36.21 -11.82
C PHE C 130 26.55 -36.78 -11.36
N ALA C 131 27.41 -37.10 -12.33
CA ALA C 131 28.74 -37.62 -12.05
C ALA C 131 29.77 -36.49 -12.13
N VAL C 132 30.80 -36.58 -11.31
CA VAL C 132 31.80 -35.52 -11.22
C VAL C 132 33.08 -35.93 -11.93
N GLU C 133 33.68 -35.01 -12.67
CA GLU C 133 34.89 -35.32 -13.42
C GLU C 133 36.09 -34.49 -12.94
N LYS C 134 35.81 -33.31 -12.40
CA LYS C 134 36.86 -32.42 -11.93
C LYS C 134 36.38 -31.52 -10.80
N LYS C 135 37.31 -31.08 -9.96
CA LYS C 135 36.98 -30.12 -8.92
C LYS C 135 38.08 -29.09 -8.79
N LYS C 136 37.71 -27.82 -8.98
CA LYS C 136 38.68 -26.74 -8.90
C LYS C 136 38.31 -25.83 -7.74
N VAL C 137 39.30 -25.50 -6.92
CA VAL C 137 39.08 -24.69 -5.75
C VAL C 137 39.71 -23.33 -6.00
N ASN C 138 38.90 -22.29 -5.86
CA ASN C 138 39.41 -20.93 -6.04
C ASN C 138 39.24 -20.16 -4.75
N ASP C 139 39.83 -18.98 -4.70
CA ASP C 139 39.76 -18.14 -3.53
C ASP C 139 38.32 -17.74 -3.27
N LYS C 140 37.60 -17.44 -4.35
CA LYS C 140 36.28 -16.84 -4.24
C LYS C 140 35.15 -17.71 -4.82
N SER C 141 35.48 -18.94 -5.19
CA SER C 141 34.50 -19.88 -5.73
C SER C 141 35.06 -21.30 -5.82
N ILE C 142 34.18 -22.25 -6.07
CA ILE C 142 34.55 -23.64 -6.34
C ILE C 142 33.77 -24.07 -7.57
N THR C 143 34.44 -24.75 -8.50
CA THR C 143 33.81 -25.15 -9.73
C THR C 143 33.92 -26.66 -9.92
N PHE C 144 32.84 -27.28 -10.35
CA PHE C 144 32.85 -28.70 -10.66
C PHE C 144 32.58 -28.86 -12.13
N LYS C 145 32.89 -30.03 -12.66
CA LYS C 145 32.51 -30.37 -14.00
C LYS C 145 31.69 -31.64 -13.88
N ILE C 146 30.47 -31.62 -14.39
CA ILE C 146 29.63 -32.81 -14.29
C ILE C 146 29.43 -33.42 -15.66
N LYS C 147 29.35 -34.74 -15.67
CA LYS C 147 29.36 -35.45 -16.94
C LYS C 147 28.17 -36.36 -17.06
N ASP C 148 27.88 -36.69 -18.30
CA ASP C 148 26.77 -37.54 -18.66
C ASP C 148 27.28 -38.64 -19.59
N ASN C 149 26.36 -39.34 -20.25
CA ASN C 149 26.80 -40.30 -21.27
C ASN C 149 27.04 -39.67 -22.68
N GLU C 150 26.49 -38.48 -22.95
CA GLU C 150 26.79 -37.77 -24.20
C GLU C 150 27.25 -36.33 -24.01
N ASP C 151 27.31 -35.84 -22.76
CA ASP C 151 27.68 -34.43 -22.59
C ASP C 151 28.18 -34.06 -21.19
N ASN C 152 28.65 -32.82 -21.05
CA ASN C 152 29.15 -32.35 -19.77
C ASN C 152 28.87 -30.86 -19.61
N ILE C 153 28.82 -30.40 -18.37
CA ILE C 153 28.60 -28.97 -18.14
C ILE C 153 29.30 -28.55 -16.85
N LYS C 154 29.61 -27.27 -16.74
CA LYS C 154 30.33 -26.77 -15.58
C LYS C 154 29.38 -26.20 -14.53
N VAL C 155 29.72 -26.43 -13.27
CA VAL C 155 28.92 -25.97 -12.16
C VAL C 155 29.74 -24.96 -11.36
N VAL C 156 29.16 -23.81 -11.08
CA VAL C 156 29.85 -22.77 -10.33
C VAL C 156 29.18 -22.61 -8.97
N TRP C 157 29.98 -22.64 -7.93
CA TRP C 157 29.49 -22.53 -6.57
C TRP C 157 30.27 -21.47 -5.82
N ASP C 158 29.65 -20.32 -5.59
CA ASP C 158 30.32 -19.21 -4.92
C ASP C 158 29.74 -18.92 -3.54
N LYS C 159 29.61 -19.94 -2.70
CA LYS C 159 29.11 -19.72 -1.35
C LYS C 159 29.97 -20.38 -0.29
N GLU C 160 29.48 -20.32 0.94
CA GLU C 160 30.07 -20.98 2.10
C GLU C 160 30.34 -22.46 1.86
N ASP C 170 32.84 -39.28 -7.79
CA ASP C 170 31.67 -39.53 -6.96
C ASP C 170 30.46 -38.80 -7.53
N LYS C 171 29.27 -39.15 -7.07
CA LYS C 171 28.04 -38.52 -7.54
C LYS C 171 27.56 -37.35 -6.68
N LEU C 172 26.92 -36.39 -7.33
CA LEU C 172 26.41 -35.19 -6.66
C LEU C 172 24.94 -34.99 -6.99
N GLN C 173 24.14 -34.73 -5.95
CA GLN C 173 22.75 -34.35 -6.18
C GLN C 173 22.65 -32.85 -6.03
N LEU C 174 22.00 -32.21 -7.01
CA LEU C 174 21.91 -30.76 -7.05
C LEU C 174 20.47 -30.32 -6.87
N PHE C 175 20.30 -29.25 -6.09
CA PHE C 175 18.98 -28.67 -5.86
C PHE C 175 19.00 -27.19 -6.23
N SER C 176 18.08 -26.81 -7.11
CA SER C 176 17.83 -25.40 -7.43
C SER C 176 19.07 -24.65 -7.93
N PHE C 177 19.78 -25.24 -8.88
CA PHE C 177 20.87 -24.54 -9.55
C PHE C 177 20.33 -23.74 -10.72
N HIS C 178 21.05 -22.69 -11.10
CA HIS C 178 20.58 -21.80 -12.16
C HIS C 178 21.29 -22.00 -13.48
N LEU C 179 20.51 -22.18 -14.54
CA LEU C 179 21.05 -22.30 -15.88
C LEU C 179 21.39 -20.92 -16.42
N ARG C 180 22.61 -20.76 -16.88
CA ARG C 180 23.04 -19.50 -17.48
C ARG C 180 23.56 -19.77 -18.87
N LYS C 181 22.94 -19.16 -19.87
CA LYS C 181 23.35 -19.44 -21.24
C LYS C 181 24.05 -18.25 -21.87
N GLY C 182 23.28 -17.33 -22.46
CA GLY C 182 23.87 -16.19 -23.16
C GLY C 182 25.02 -16.57 -24.06
N ASN C 183 25.93 -15.63 -24.28
CA ASN C 183 27.13 -15.94 -25.05
C ASN C 183 28.02 -16.87 -24.26
N GLY C 184 28.69 -17.76 -24.97
CA GLY C 184 29.53 -18.75 -24.33
C GLY C 184 28.76 -20.03 -24.10
N LYS C 185 29.44 -21.05 -23.59
CA LYS C 185 28.82 -22.30 -23.25
C LYS C 185 27.94 -22.09 -22.04
N PRO C 186 26.84 -22.84 -21.95
CA PRO C 186 25.97 -22.76 -20.77
C PRO C 186 26.69 -23.20 -19.51
N ILE C 187 26.27 -22.66 -18.37
CA ILE C 187 26.86 -22.99 -17.09
C ILE C 187 25.75 -23.23 -16.09
N LEU C 188 26.07 -23.93 -15.01
CA LEU C 188 25.15 -24.08 -13.89
C LEU C 188 25.70 -23.29 -12.72
N HIS C 189 24.95 -22.28 -12.28
CA HIS C 189 25.46 -21.39 -11.25
C HIS C 189 24.63 -21.50 -9.97
N SER C 190 25.29 -21.34 -8.84
CA SER C 190 24.62 -21.38 -7.54
C SER C 190 23.73 -20.15 -7.36
N GLY C 191 22.64 -20.32 -6.62
CA GLY C 191 21.69 -19.24 -6.39
C GLY C 191 21.21 -19.20 -4.96
N ASN C 192 20.08 -18.54 -4.72
CA ASN C 192 19.55 -18.38 -3.37
C ASN C 192 19.39 -19.70 -2.63
N HIS C 193 18.84 -20.67 -3.34
CA HIS C 193 18.41 -21.91 -2.70
C HIS C 193 19.22 -23.11 -3.18
N SER C 194 20.36 -22.84 -3.79
CA SER C 194 21.19 -23.90 -4.33
C SER C 194 21.70 -24.79 -3.21
N PHE C 195 21.57 -26.10 -3.39
CA PHE C 195 22.00 -27.03 -2.37
C PHE C 195 22.67 -28.25 -3.00
N ILE C 196 23.69 -28.78 -2.33
CA ILE C 196 24.42 -29.92 -2.84
C ILE C 196 24.44 -31.06 -1.83
N LYS C 197 24.04 -32.24 -2.25
CA LYS C 197 24.08 -33.41 -1.37
C LYS C 197 24.94 -34.48 -2.02
N GLY C 198 25.52 -35.36 -1.21
CA GLY C 198 26.38 -36.41 -1.71
C GLY C 198 25.70 -37.76 -1.70
N THR D 2 40.16 -1.44 -19.87
CA THR D 2 40.47 -0.08 -20.29
C THR D 2 39.75 0.33 -21.58
N PRO D 3 39.67 -0.58 -22.58
CA PRO D 3 38.75 -0.12 -23.63
C PRO D 3 37.35 -0.33 -23.10
N LYS D 4 36.33 0.25 -23.71
CA LYS D 4 34.96 0.12 -23.19
C LYS D 4 34.85 0.50 -21.71
N LYS D 5 35.80 1.26 -21.21
CA LYS D 5 35.79 1.74 -19.83
C LYS D 5 34.71 2.80 -19.68
N ASN D 6 33.97 2.75 -18.58
CA ASN D 6 32.94 3.76 -18.30
C ASN D 6 31.82 3.78 -19.34
N ILE D 7 31.91 2.90 -20.32
CA ILE D 7 30.92 2.81 -21.36
C ILE D 7 29.75 1.95 -20.88
N SER D 8 28.54 2.33 -21.27
CA SER D 8 27.38 1.52 -20.95
C SER D 8 27.61 0.18 -21.60
N LYS D 9 27.21 -0.89 -20.92
CA LYS D 9 27.49 -2.24 -21.40
C LYS D 9 26.68 -2.66 -22.62
N GLY D 10 27.34 -3.40 -23.51
CA GLY D 10 26.70 -3.91 -24.71
C GLY D 10 26.76 -2.91 -25.84
N ALA D 11 27.38 -1.77 -25.59
CA ALA D 11 27.47 -0.72 -26.60
C ALA D 11 28.32 -1.19 -27.78
N VAL D 12 27.89 -0.84 -28.99
CA VAL D 12 28.60 -1.25 -30.19
C VAL D 12 29.78 -0.32 -30.40
N LEU D 13 30.86 -0.83 -30.98
CA LEU D 13 32.04 0.00 -31.24
C LEU D 13 32.15 0.32 -32.72
N HIS D 14 32.38 1.59 -33.02
CA HIS D 14 32.51 2.05 -34.39
C HIS D 14 33.92 2.56 -34.65
N GLU D 15 34.77 1.75 -35.29
CA GLU D 15 36.15 2.14 -35.55
C GLU D 15 36.18 3.22 -36.62
N LYS D 16 35.24 3.13 -37.56
CA LYS D 16 35.20 4.04 -38.67
C LYS D 16 34.98 5.48 -38.21
N PRO D 17 35.85 6.39 -38.67
CA PRO D 17 35.72 7.80 -38.28
C PRO D 17 34.42 8.36 -38.83
N MET D 18 33.81 9.27 -38.08
CA MET D 18 32.61 9.97 -38.51
C MET D 18 32.77 11.43 -38.16
N THR D 19 32.35 12.30 -39.06
CA THR D 19 32.52 13.72 -38.84
C THR D 19 31.20 14.38 -38.48
N VAL D 20 31.19 15.06 -37.35
CA VAL D 20 29.99 15.67 -36.79
C VAL D 20 30.22 17.14 -36.42
N MET D 21 29.12 17.86 -36.22
CA MET D 21 29.16 19.25 -35.79
C MET D 21 28.59 19.38 -34.39
N VAL D 22 29.31 20.06 -33.51
CA VAL D 22 28.87 20.20 -32.13
C VAL D 22 27.77 21.27 -32.04
N LEU D 23 26.57 20.86 -31.63
CA LEU D 23 25.47 21.81 -31.51
C LEU D 23 25.43 22.39 -30.11
N THR D 24 25.41 21.51 -29.11
CA THR D 24 25.36 21.99 -27.74
C THR D 24 26.30 21.19 -26.87
N ALA D 25 26.70 21.78 -25.76
CA ALA D 25 27.56 21.09 -24.82
C ALA D 25 27.17 21.49 -23.42
N THR D 26 27.37 20.59 -22.49
CA THR D 26 26.99 20.82 -21.11
C THR D 26 28.26 21.06 -20.33
N GLU D 27 28.14 21.70 -19.17
CA GLU D 27 29.29 21.92 -18.33
C GLU D 27 29.62 20.58 -17.69
N PRO D 28 30.91 20.28 -17.49
CA PRO D 28 31.27 19.01 -16.87
C PRO D 28 30.70 18.93 -15.45
N PHE D 29 30.26 17.76 -15.05
CA PHE D 29 29.65 17.58 -13.73
C PHE D 29 29.95 16.20 -13.17
N ASN D 30 29.76 16.04 -11.87
CA ASN D 30 30.05 14.77 -11.22
C ASN D 30 28.81 13.89 -11.11
N TYR D 31 28.80 12.81 -11.89
CA TYR D 31 27.64 11.93 -11.96
C TYR D 31 27.73 10.72 -11.02
N LYS D 32 28.93 10.46 -10.52
CA LYS D 32 29.17 9.33 -9.64
C LYS D 32 30.30 9.58 -8.68
N GLU D 33 30.22 9.01 -7.50
CA GLU D 33 31.23 9.24 -6.48
C GLU D 33 32.59 8.71 -6.95
N GLY D 34 33.61 9.55 -6.79
CA GLY D 34 34.97 9.17 -7.14
C GLY D 34 35.28 9.22 -8.63
N LYS D 35 34.33 8.79 -9.45
CA LYS D 35 34.54 8.78 -10.90
C LYS D 35 34.73 10.16 -11.47
N GLU D 36 35.44 10.21 -12.60
CA GLU D 36 35.74 11.45 -13.29
C GLU D 36 34.45 12.08 -13.76
N ASN D 37 34.49 13.39 -13.99
CA ASN D 37 33.29 14.09 -14.40
C ASN D 37 32.90 13.68 -15.81
N MET D 38 31.73 14.13 -16.22
CA MET D 38 31.25 13.89 -17.56
C MET D 38 30.50 15.11 -18.02
N PHE D 39 30.21 15.19 -19.31
CA PHE D 39 29.29 16.20 -19.79
C PHE D 39 28.44 15.64 -20.91
N HIS D 40 27.32 16.31 -21.17
CA HIS D 40 26.42 15.88 -22.22
C HIS D 40 26.66 16.80 -23.40
N ALA D 41 26.46 16.29 -24.61
CA ALA D 41 26.61 17.10 -25.80
C ALA D 41 25.58 16.70 -26.82
N THR D 42 25.32 17.60 -27.77
CA THR D 42 24.48 17.27 -28.91
C THR D 42 25.22 17.64 -30.16
N VAL D 43 25.34 16.67 -31.06
CA VAL D 43 26.03 16.87 -32.33
C VAL D 43 25.10 16.49 -33.47
N ALA D 44 25.51 16.73 -34.70
CA ALA D 44 24.65 16.39 -35.83
C ALA D 44 25.39 16.09 -37.12
N THR D 45 24.86 15.13 -37.87
CA THR D 45 25.27 14.90 -39.24
C THR D 45 24.04 15.09 -40.12
N GLU D 46 24.27 15.17 -41.42
CA GLU D 46 23.22 15.49 -42.39
C GLU D 46 22.01 14.57 -42.31
N SER D 47 22.19 13.37 -41.75
CA SER D 47 21.12 12.39 -41.78
C SER D 47 20.39 12.37 -40.45
N GLN D 48 21.06 12.80 -39.38
CA GLN D 48 20.43 12.76 -38.06
C GLN D 48 21.20 13.54 -37.01
N TYR D 49 20.55 13.74 -35.87
CA TYR D 49 21.18 14.38 -34.74
C TYR D 49 21.51 13.32 -33.69
N TYR D 50 22.61 13.52 -32.98
CA TYR D 50 23.06 12.56 -31.98
C TYR D 50 23.18 13.19 -30.61
N ARG D 51 22.94 12.37 -29.60
CA ARG D 51 23.16 12.73 -28.21
C ARG D 51 24.43 12.05 -27.76
N VAL D 52 25.25 12.75 -27.01
CA VAL D 52 26.59 12.26 -26.73
C VAL D 52 26.88 12.35 -25.24
N LYS D 53 27.48 11.31 -24.68
CA LYS D 53 28.00 11.35 -23.32
C LYS D 53 29.51 11.23 -23.42
N VAL D 54 30.22 12.18 -22.81
CA VAL D 54 31.67 12.21 -22.91
C VAL D 54 32.31 12.02 -21.55
N PHE D 55 33.24 11.07 -21.47
CA PHE D 55 33.85 10.70 -20.20
C PHE D 55 35.33 11.08 -20.14
N ASN D 56 35.86 11.59 -21.24
CA ASN D 56 37.22 12.11 -21.27
C ASN D 56 37.22 13.63 -21.21
N MET D 57 37.61 14.18 -20.06
CA MET D 57 37.53 15.61 -19.85
C MET D 57 38.53 16.40 -20.68
N ASP D 58 39.47 15.69 -21.29
CA ASP D 58 40.44 16.32 -22.19
C ASP D 58 39.75 16.81 -23.46
N LEU D 59 38.55 16.33 -23.69
CA LEU D 59 37.83 16.59 -24.94
C LEU D 59 36.86 17.78 -24.83
N LYS D 60 36.86 18.44 -23.69
CA LYS D 60 35.85 19.46 -23.42
C LYS D 60 35.88 20.65 -24.39
N GLU D 61 37.08 21.09 -24.77
CA GLU D 61 37.23 22.23 -25.68
C GLU D 61 36.79 21.88 -27.08
N LYS D 62 37.05 20.66 -27.50
CA LYS D 62 36.67 20.22 -28.83
C LYS D 62 35.16 20.25 -28.94
N PHE D 63 34.49 20.00 -27.81
CA PHE D 63 33.04 20.07 -27.78
C PHE D 63 32.62 21.49 -27.44
N THR D 64 32.82 22.38 -28.40
CA THR D 64 32.38 23.75 -28.25
C THR D 64 31.36 24.01 -29.34
N GLU D 65 30.44 24.93 -29.08
CA GLU D 65 29.31 25.15 -29.97
C GLU D 65 29.77 25.43 -31.39
N ASN D 66 29.10 24.80 -32.34
CA ASN D 66 29.31 25.05 -33.77
C ASN D 66 30.68 24.61 -34.30
N LYS D 67 31.38 23.79 -33.53
CA LYS D 67 32.67 23.25 -33.97
C LYS D 67 32.50 21.90 -34.67
N PHE D 68 33.26 21.70 -35.74
CA PHE D 68 33.24 20.43 -36.45
C PHE D 68 34.38 19.54 -35.99
N ILE D 69 34.04 18.34 -35.55
CA ILE D 69 35.03 17.40 -35.07
C ILE D 69 34.78 16.03 -35.67
N THR D 70 35.84 15.22 -35.73
CA THR D 70 35.73 13.86 -36.23
C THR D 70 36.05 12.92 -35.09
N ILE D 71 35.19 11.92 -34.93
CA ILE D 71 35.34 10.95 -33.87
C ILE D 71 35.35 9.54 -34.46
N SER D 72 36.32 8.76 -34.01
CA SER D 72 36.48 7.38 -34.44
C SER D 72 36.54 6.53 -33.18
N LYS D 73 36.16 5.27 -33.30
CA LYS D 73 36.16 4.29 -32.20
C LYS D 73 35.33 4.75 -31.00
N TYR D 74 34.28 5.52 -31.31
CA TYR D 74 33.29 5.92 -30.32
C TYR D 74 32.35 4.75 -30.11
N PHE D 75 31.48 4.86 -29.11
CA PHE D 75 30.55 3.79 -28.82
C PHE D 75 29.12 4.23 -29.11
N ASN D 76 28.27 3.26 -29.42
CA ASN D 76 26.85 3.51 -29.62
C ASN D 76 26.08 2.59 -28.68
N SER D 77 25.44 3.18 -27.68
CA SER D 77 24.64 2.43 -26.73
C SER D 77 23.18 2.76 -26.91
N SER D 78 22.49 1.93 -27.69
CA SER D 78 21.06 2.10 -27.97
C SER D 78 20.77 3.46 -28.58
N GLY D 79 21.57 3.84 -29.58
CA GLY D 79 21.34 5.08 -30.30
C GLY D 79 22.02 6.27 -29.65
N ILE D 80 22.74 6.03 -28.56
CA ILE D 80 23.45 7.09 -27.86
C ILE D 80 24.96 6.92 -28.00
N LEU D 81 25.65 8.02 -28.25
CA LEU D 81 27.09 7.96 -28.45
C LEU D 81 27.83 8.16 -27.13
N GLU D 82 28.69 7.20 -26.80
CA GLU D 82 29.49 7.29 -25.59
C GLU D 82 30.96 7.37 -25.99
N ILE D 83 31.67 8.33 -25.40
CA ILE D 83 33.08 8.54 -25.75
C ILE D 83 33.97 8.50 -24.52
N ASN D 84 34.98 7.64 -24.55
CA ASN D 84 35.98 7.61 -23.50
C ASN D 84 37.37 7.79 -24.10
N GLU D 85 38.40 7.62 -23.27
CA GLU D 85 39.76 7.92 -23.68
C GLU D 85 40.27 7.04 -24.81
N THR D 86 39.58 5.94 -25.07
CA THR D 86 40.03 5.06 -26.14
C THR D 86 39.72 5.76 -27.45
N ALA D 87 38.68 6.58 -27.46
CA ALA D 87 38.20 7.17 -28.71
C ALA D 87 39.13 8.27 -29.20
N THR D 88 39.22 8.42 -30.52
CA THR D 88 40.06 9.45 -31.12
C THR D 88 39.22 10.62 -31.61
N VAL D 89 39.55 11.82 -31.15
CA VAL D 89 38.81 13.00 -31.57
C VAL D 89 39.73 14.07 -32.16
N SER D 90 39.49 14.43 -33.42
CA SER D 90 40.33 15.40 -34.12
C SER D 90 39.49 16.55 -34.64
N GLU D 91 40.05 17.74 -34.75
CA GLU D 91 39.31 18.83 -35.37
C GLU D 91 39.18 18.53 -36.86
N ALA D 92 37.97 18.70 -37.38
CA ALA D 92 37.66 18.28 -38.74
C ALA D 92 38.30 19.19 -39.77
N ALA D 93 38.49 18.64 -40.98
CA ALA D 93 39.00 19.41 -42.10
C ALA D 93 37.80 19.95 -42.89
N PRO D 94 37.95 21.13 -43.51
CA PRO D 94 36.86 21.84 -44.17
C PRO D 94 36.10 21.04 -45.24
N ASN D 95 36.70 19.99 -45.80
CA ASN D 95 36.03 19.24 -46.86
C ASN D 95 34.83 18.43 -46.35
N GLN D 96 34.84 18.03 -45.08
CA GLN D 96 33.69 17.32 -44.52
C GLN D 96 32.78 18.24 -43.72
N MET D 97 33.18 19.50 -43.58
CA MET D 97 32.36 20.47 -42.88
C MET D 97 31.10 20.80 -43.68
N PHE D 98 30.24 19.81 -43.84
CA PHE D 98 29.00 19.97 -44.61
C PHE D 98 28.05 20.93 -43.89
N GLU D 99 26.84 21.07 -44.43
CA GLU D 99 25.85 21.91 -43.80
C GLU D 99 24.74 21.05 -43.24
N VAL D 100 24.36 21.33 -42.00
CA VAL D 100 23.29 20.58 -41.37
C VAL D 100 21.95 21.23 -41.68
N PRO D 101 21.05 20.47 -42.32
CA PRO D 101 19.70 20.91 -42.70
C PRO D 101 18.91 21.47 -41.52
N LYS D 102 18.09 22.47 -41.82
CA LYS D 102 17.33 23.20 -40.80
C LYS D 102 16.42 22.26 -40.00
N ASN D 103 15.83 21.28 -40.69
CA ASN D 103 14.90 20.36 -40.06
C ASN D 103 15.54 19.46 -38.99
N ILE D 104 16.78 19.05 -39.22
CA ILE D 104 17.48 18.21 -38.26
C ILE D 104 17.78 18.97 -36.97
N ILE D 105 18.28 20.20 -37.10
CA ILE D 105 18.56 21.03 -35.94
C ILE D 105 17.25 21.31 -35.21
N ARG D 106 16.17 21.49 -35.97
CA ARG D 106 14.85 21.67 -35.39
C ARG D 106 14.44 20.46 -34.56
N SER D 107 14.71 19.26 -35.08
CA SER D 107 14.40 18.05 -34.32
C SER D 107 15.24 17.98 -33.05
N ALA D 108 16.51 18.37 -33.18
CA ALA D 108 17.45 18.33 -32.07
C ALA D 108 17.03 19.29 -30.95
N LYS D 109 16.47 20.43 -31.32
CA LYS D 109 15.97 21.38 -30.34
C LYS D 109 14.62 20.94 -29.83
N GLU D 110 13.90 20.20 -30.67
CA GLU D 110 12.54 19.83 -30.35
C GLU D 110 12.50 18.93 -29.13
N THR D 111 11.55 19.20 -28.25
CA THR D 111 11.37 18.38 -27.06
C THR D 111 10.15 17.53 -27.33
N LEU D 112 10.27 16.24 -27.04
CA LEU D 112 9.19 15.34 -27.32
C LEU D 112 8.08 15.69 -26.33
N LYS D 113 6.84 15.38 -26.68
CA LYS D 113 5.71 15.66 -25.79
C LYS D 113 5.49 14.46 -24.89
N ILE D 114 5.02 14.72 -23.68
CA ILE D 114 4.85 13.68 -22.67
C ILE D 114 3.91 12.54 -23.08
N SER D 115 2.83 12.87 -23.78
CA SER D 115 1.87 11.86 -24.21
C SER D 115 2.50 10.74 -25.02
N LYS D 116 3.35 11.10 -25.98
CA LYS D 116 4.09 10.12 -26.78
C LYS D 116 5.26 9.53 -25.98
N ILE D 117 5.83 10.33 -25.07
CA ILE D 117 6.93 9.88 -24.24
C ILE D 117 6.49 8.65 -23.46
N LYS D 118 5.26 8.69 -22.93
CA LYS D 118 4.74 7.60 -22.10
C LYS D 118 4.59 6.30 -22.88
N GLU D 119 4.60 6.41 -24.20
CA GLU D 119 4.37 5.25 -25.04
C GLU D 119 5.69 4.61 -25.45
N LEU D 120 6.78 5.30 -25.15
CA LEU D 120 8.10 4.79 -25.50
C LEU D 120 8.39 3.56 -24.64
N ASP D 121 9.32 2.75 -25.11
CA ASP D 121 9.69 1.52 -24.41
C ASP D 121 10.32 1.83 -23.06
N SER D 122 10.18 0.92 -22.12
CA SER D 122 10.74 1.09 -20.79
C SER D 122 12.27 1.06 -20.87
N GLY D 123 12.92 1.95 -20.13
CA GLY D 123 14.37 2.03 -20.14
C GLY D 123 14.89 3.03 -21.16
N THR D 124 13.96 3.64 -21.91
CA THR D 124 14.33 4.64 -22.90
C THR D 124 14.85 5.90 -22.20
N LEU D 125 15.81 6.56 -22.81
CA LEU D 125 16.41 7.76 -22.21
C LEU D 125 15.72 9.01 -22.73
N ILE D 126 15.36 9.90 -21.81
CA ILE D 126 14.55 11.07 -22.15
C ILE D 126 15.31 12.37 -21.94
N TYR D 127 15.22 13.24 -22.94
CA TYR D 127 15.86 14.55 -22.90
C TYR D 127 14.81 15.58 -23.27
N GLY D 128 14.85 16.75 -22.64
CA GLY D 128 13.95 17.81 -23.02
C GLY D 128 13.83 18.96 -22.04
N VAL D 129 13.15 20.02 -22.47
CA VAL D 129 12.87 21.17 -21.62
C VAL D 129 11.41 21.17 -21.22
N PHE D 130 11.14 21.27 -19.91
CA PHE D 130 9.78 21.15 -19.42
C PHE D 130 9.44 22.22 -18.38
N ALA D 131 8.15 22.42 -18.11
CA ALA D 131 7.72 23.34 -17.06
C ALA D 131 7.27 22.58 -15.81
N VAL D 132 7.64 23.10 -14.64
CA VAL D 132 7.34 22.43 -13.37
C VAL D 132 6.26 23.13 -12.55
N GLU D 133 5.29 22.37 -12.04
CA GLU D 133 4.23 22.92 -11.21
C GLU D 133 4.16 22.26 -9.83
N LYS D 134 5.05 21.30 -9.59
CA LYS D 134 5.10 20.66 -8.27
C LYS D 134 6.54 20.28 -7.97
N LYS D 135 6.96 20.53 -6.73
CA LYS D 135 8.28 20.16 -6.22
C LYS D 135 8.17 19.68 -4.78
N LYS D 136 8.52 18.43 -4.55
CA LYS D 136 8.39 17.76 -3.27
C LYS D 136 9.74 17.30 -2.77
N VAL D 137 10.06 17.57 -1.52
CA VAL D 137 11.35 17.17 -0.97
C VAL D 137 11.21 16.07 0.07
N ASN D 138 11.90 14.95 -0.15
CA ASN D 138 11.89 13.84 0.78
C ASN D 138 13.32 13.57 1.22
N ASP D 139 13.48 12.69 2.20
CA ASP D 139 14.78 12.37 2.75
C ASP D 139 15.69 11.77 1.69
N LYS D 140 15.14 10.86 0.90
CA LYS D 140 15.93 10.01 0.03
C LYS D 140 15.63 10.25 -1.45
N SER D 141 14.83 11.28 -1.71
CA SER D 141 14.47 11.62 -3.08
C SER D 141 13.81 12.99 -3.16
N ILE D 142 13.71 13.50 -4.38
CA ILE D 142 12.98 14.73 -4.67
C ILE D 142 12.12 14.48 -5.89
N THR D 143 10.86 14.91 -5.83
CA THR D 143 9.91 14.62 -6.89
C THR D 143 9.30 15.87 -7.49
N PHE D 144 9.36 16.02 -8.81
CA PHE D 144 8.66 17.16 -9.41
C PHE D 144 7.67 16.73 -10.48
N LYS D 145 6.85 17.68 -10.91
CA LYS D 145 5.93 17.39 -12.01
C LYS D 145 6.18 18.25 -13.23
N ILE D 146 6.39 17.60 -14.37
CA ILE D 146 6.59 18.35 -15.59
C ILE D 146 5.40 18.12 -16.52
N LYS D 147 4.99 19.20 -17.18
CA LYS D 147 3.78 19.17 -17.97
C LYS D 147 3.91 19.94 -19.27
N ASP D 148 3.06 19.60 -20.24
CA ASP D 148 2.96 20.37 -21.46
C ASP D 148 1.47 20.59 -21.65
N ASN D 149 1.09 21.26 -22.73
CA ASN D 149 -0.32 21.35 -23.12
C ASN D 149 -0.73 20.29 -24.14
N GLU D 150 -1.49 19.30 -23.70
CA GLU D 150 -1.81 19.13 -22.29
C GLU D 150 -1.61 17.70 -21.76
N ASP D 151 -0.47 17.47 -21.10
CA ASP D 151 -0.19 16.17 -20.51
C ASP D 151 0.85 16.34 -19.43
N ASN D 152 1.08 15.29 -18.64
CA ASN D 152 2.00 15.42 -17.52
C ASN D 152 2.74 14.14 -17.17
N ILE D 153 3.90 14.30 -16.52
CA ILE D 153 4.64 13.14 -16.04
C ILE D 153 5.41 13.54 -14.78
N LYS D 154 5.65 12.54 -13.93
CA LYS D 154 6.32 12.73 -12.65
C LYS D 154 7.80 12.37 -12.78
N VAL D 155 8.65 13.16 -12.14
CA VAL D 155 10.09 12.92 -12.21
C VAL D 155 10.65 12.69 -10.81
N VAL D 156 11.44 11.61 -10.69
CA VAL D 156 12.04 11.20 -9.43
C VAL D 156 13.55 11.38 -9.48
N TRP D 157 14.10 12.00 -8.45
CA TRP D 157 15.54 12.25 -8.38
C TRP D 157 16.10 11.75 -7.05
N ASP D 158 16.84 10.64 -7.09
CA ASP D 158 17.39 10.04 -5.89
C ASP D 158 18.91 10.18 -5.83
N LYS D 159 19.40 11.40 -6.02
CA LYS D 159 20.83 11.69 -5.96
C LYS D 159 21.03 12.90 -5.06
N GLU D 160 22.22 13.49 -5.12
CA GLU D 160 22.50 14.72 -4.41
C GLU D 160 21.38 15.72 -4.66
N GLN D 161 20.86 16.30 -3.57
CA GLN D 161 19.78 17.27 -3.66
C GLN D 161 20.35 18.69 -3.72
N ASN D 163 21.77 21.21 -4.83
CA ASN D 163 21.92 22.05 -6.02
C ASN D 163 20.71 22.00 -6.96
N ILE D 164 19.51 21.97 -6.38
CA ILE D 164 18.28 21.92 -7.17
C ILE D 164 17.25 22.94 -6.67
N ASN D 165 16.82 23.83 -7.57
CA ASN D 165 15.87 24.89 -7.20
C ASN D 165 15.15 25.46 -8.41
N GLN D 173 15.35 21.83 -17.74
CA GLN D 173 15.91 21.00 -18.80
C GLN D 173 16.50 19.71 -18.23
N LEU D 174 16.15 18.59 -18.85
CA LEU D 174 16.54 17.28 -18.34
C LEU D 174 17.48 16.56 -19.30
N PHE D 175 18.48 15.87 -18.74
CA PHE D 175 19.39 15.08 -19.55
C PHE D 175 19.44 13.63 -19.06
N SER D 176 19.20 12.71 -19.97
CA SER D 176 19.35 11.28 -19.70
C SER D 176 18.55 10.79 -18.50
N PHE D 177 17.28 11.17 -18.43
CA PHE D 177 16.42 10.59 -17.42
C PHE D 177 15.84 9.29 -17.96
N HIS D 178 15.48 8.39 -17.05
CA HIS D 178 15.01 7.08 -17.45
C HIS D 178 13.49 6.97 -17.34
N LEU D 179 12.85 6.55 -18.41
CA LEU D 179 11.41 6.32 -18.42
C LEU D 179 11.07 4.97 -17.83
N ARG D 180 10.18 4.96 -16.86
CA ARG D 180 9.75 3.72 -16.22
C ARG D 180 8.23 3.57 -16.29
N ASN D 183 5.92 1.47 -14.74
CA ASN D 183 5.11 0.25 -14.68
C ASN D 183 3.62 0.61 -14.48
N GLY D 184 3.12 0.65 -13.25
CA GLY D 184 1.74 0.95 -12.95
C GLY D 184 1.38 2.32 -13.50
N LYS D 185 2.25 3.29 -13.26
CA LYS D 185 2.05 4.59 -13.88
C LYS D 185 3.43 5.04 -14.30
N PRO D 186 3.56 5.61 -15.51
CA PRO D 186 4.88 5.99 -16.00
C PRO D 186 5.51 7.09 -15.15
N ILE D 187 6.84 7.04 -15.01
CA ILE D 187 7.58 8.11 -14.34
C ILE D 187 8.87 8.37 -15.11
N LEU D 188 9.50 9.51 -14.83
CA LEU D 188 10.82 9.76 -15.37
C LEU D 188 11.79 9.68 -14.22
N HIS D 189 12.74 8.75 -14.30
CA HIS D 189 13.61 8.50 -13.15
C HIS D 189 15.06 8.85 -13.43
N SER D 190 15.73 9.29 -12.37
CA SER D 190 17.15 9.61 -12.47
C SER D 190 17.97 8.35 -12.64
N GLY D 191 19.10 8.48 -13.34
CA GLY D 191 19.99 7.36 -13.58
C GLY D 191 21.43 7.80 -13.40
N ASN D 192 22.38 7.02 -13.89
CA ASN D 192 23.81 7.32 -13.73
C ASN D 192 24.20 8.68 -14.27
N HIS D 193 23.66 9.05 -15.43
CA HIS D 193 24.14 10.22 -16.15
C HIS D 193 23.10 11.32 -16.17
N SER D 194 22.10 11.21 -15.29
CA SER D 194 21.04 12.22 -15.24
C SER D 194 21.62 13.54 -14.81
N PHE D 195 21.25 14.60 -15.53
CA PHE D 195 21.74 15.93 -15.22
C PHE D 195 20.59 16.92 -15.36
N ILE D 196 20.58 17.95 -14.52
CA ILE D 196 19.53 18.94 -14.55
C ILE D 196 20.12 20.33 -14.74
N LYS D 197 19.61 21.05 -15.73
CA LYS D 197 20.06 22.40 -16.05
C LYS D 197 18.88 23.36 -15.94
N GLY D 198 19.18 24.64 -15.72
CA GLY D 198 18.13 25.63 -15.58
C GLY D 198 17.96 26.49 -16.82
#